data_6HH3
#
_entry.id   6HH3
#
_cell.length_a   66.850
_cell.length_b   98.248
_cell.length_c   105.624
_cell.angle_alpha   90.00
_cell.angle_beta   90.00
_cell.angle_gamma   90.00
#
_symmetry.space_group_name_H-M   'P 21 21 21'
#
loop_
_entity.id
_entity.type
_entity.pdbx_description
1 polymer 'ADP-ribosylhydrolase like 2'
2 non-polymer 'MAGNESIUM ION'
3 non-polymer "5'-O-[(S)-{[(S)-{[(2R,3R,4S)-3,4-DIHYDROXYPYRROLIDIN-2-YL]METHOXY}(HYDROXY)PHOSPHORYL]OXY}(HYDROXY)PHOSPHORYL]ADENOSINE"
4 non-polymer GLYCEROL
5 water water
#
_entity_poly.entity_id   1
_entity_poly.type   'polypeptide(L)'
_entity_poly.pdbx_seq_one_letter_code
;GPMVSLAQVRGALCGALLGDCMGAEFEGSDAVELPDVLEFVRLLEKEKKAGTLFYTDDTAMTRAVIQSLIAKPDFDEVDM
AKRFAEEYKKEPTRGYGAGVVQVFKKLLSPKYSDVFQPAREQFDGKGSYGNGGAMRVASIALAYPNIQDVIKFARRSAQL
THASPLGYNGAILQALAVHFALQGELKRDTFLEQLIGEMERIEGGEMSASDAGEHDRPNEVKLPFCSRLKKIKEFLASSN
VPKADIVDELGHGIAALESVPTAIYSFLHCMESDPDIPDLYNNLQRTIIYSISLGGDTDTIATMAGAIAGAYYGMDQVTP
SWKRSCEAIVETEESAVKLYELYCKQLKTP
;
_entity_poly.pdbx_strand_id   A,B
#
loop_
_chem_comp.id
_chem_comp.type
_chem_comp.name
_chem_comp.formula
A1R non-polymer 5'-O-[(S)-{[(S)-{[(2R,3R,4S)-3,4-DIHYDROXYPYRROLIDIN-2-YL]METHOXY}(HYDROXY)PHOSPHORYL]OXY}(HYDROXY)PHOSPHORYL]ADENOSINE 'C15 H24 N6 O12 P2'
GOL non-polymer GLYCEROL 'C3 H8 O3'
MG non-polymer 'MAGNESIUM ION' 'Mg 2'
#
# COMPACT_ATOMS: atom_id res chain seq x y z
N PRO A 2 -33.41 -14.33 -18.45
CA PRO A 2 -33.55 -13.90 -17.05
C PRO A 2 -32.62 -14.63 -16.06
N MET A 3 -32.43 -15.94 -16.26
CA MET A 3 -31.86 -16.84 -15.26
C MET A 3 -30.35 -16.61 -15.12
N VAL A 4 -29.89 -16.54 -13.87
CA VAL A 4 -28.50 -16.29 -13.54
C VAL A 4 -27.70 -17.54 -13.93
N SER A 5 -26.58 -17.32 -14.63
CA SER A 5 -25.78 -18.39 -15.19
C SER A 5 -24.53 -18.59 -14.33
N LEU A 6 -23.95 -19.77 -14.41
CA LEU A 6 -22.64 -19.99 -13.78
C LEU A 6 -21.60 -19.01 -14.35
N ALA A 7 -21.68 -18.68 -15.64
CA ALA A 7 -20.77 -17.71 -16.29
C ALA A 7 -20.79 -16.35 -15.57
N GLN A 8 -21.96 -15.93 -15.06
CA GLN A 8 -22.08 -14.67 -14.37
C GLN A 8 -21.46 -14.71 -12.97
N VAL A 9 -21.69 -15.81 -12.24
CA VAL A 9 -21.16 -15.94 -10.90
C VAL A 9 -19.63 -16.07 -10.96
N ARG A 10 -19.13 -16.90 -11.88
CA ARG A 10 -17.72 -17.04 -12.08
C ARG A 10 -17.09 -15.72 -12.56
N GLY A 11 -17.76 -15.03 -13.47
CA GLY A 11 -17.41 -13.72 -13.96
C GLY A 11 -17.22 -12.72 -12.83
N ALA A 12 -18.15 -12.72 -11.88
CA ALA A 12 -18.09 -11.79 -10.74
C ALA A 12 -16.84 -12.02 -9.89
N LEU A 13 -16.59 -13.29 -9.52
CA LEU A 13 -15.48 -13.64 -8.66
C LEU A 13 -14.13 -13.39 -9.37
N CYS A 14 -14.05 -13.72 -10.67
CA CYS A 14 -12.80 -13.52 -11.45
C CYS A 14 -12.55 -12.03 -11.70
N GLY A 15 -13.64 -11.29 -11.92
CA GLY A 15 -13.59 -9.84 -12.01
C GLY A 15 -13.03 -9.20 -10.76
N ALA A 16 -13.54 -9.65 -9.60
CA ALA A 16 -13.07 -9.19 -8.31
C ALA A 16 -11.57 -9.52 -8.15
N LEU A 17 -11.19 -10.74 -8.54
CA LEU A 17 -9.81 -11.17 -8.37
C LEU A 17 -8.88 -10.32 -9.27
N LEU A 18 -9.25 -10.17 -10.55
CA LEU A 18 -8.50 -9.34 -11.48
C LEU A 18 -8.32 -7.93 -10.94
N GLY A 19 -9.42 -7.31 -10.47
CA GLY A 19 -9.38 -5.98 -9.94
C GLY A 19 -8.43 -5.83 -8.75
N ASP A 20 -8.46 -6.78 -7.84
CA ASP A 20 -7.57 -6.78 -6.69
C ASP A 20 -6.10 -6.93 -7.17
N CYS A 21 -5.82 -7.99 -7.92
CA CYS A 21 -4.43 -8.33 -8.34
C CYS A 21 -3.81 -7.21 -9.19
N MET A 22 -4.58 -6.63 -10.10
CA MET A 22 -4.07 -5.60 -11.01
C MET A 22 -4.04 -4.25 -10.30
N GLY A 23 -5.09 -3.96 -9.53
CA GLY A 23 -5.14 -2.74 -8.77
C GLY A 23 -4.03 -2.65 -7.74
N ALA A 24 -3.59 -3.79 -7.19
CA ALA A 24 -2.63 -3.81 -6.09
C ALA A 24 -1.33 -3.17 -6.57
N GLU A 25 -1.02 -3.35 -7.86
CA GLU A 25 0.19 -2.85 -8.50
C GLU A 25 0.27 -1.33 -8.50
N PHE A 26 -0.82 -0.61 -8.19
CA PHE A 26 -0.85 0.83 -8.18
C PHE A 26 -1.29 1.41 -6.81
N GLU A 27 -1.49 0.57 -5.78
CA GLU A 27 -2.19 0.92 -4.47
C GLU A 27 -1.55 2.17 -3.85
N GLY A 28 -2.41 3.09 -3.38
CA GLY A 28 -1.99 4.23 -2.56
C GLY A 28 -1.19 5.29 -3.30
N SER A 29 -0.72 5.01 -4.53
CA SER A 29 -0.27 6.08 -5.43
C SER A 29 -1.51 6.89 -5.87
N ASP A 30 -1.63 8.13 -5.42
CA ASP A 30 -2.91 8.87 -5.54
C ASP A 30 -3.07 9.43 -6.96
N ALA A 31 -1.93 9.79 -7.58
CA ALA A 31 -1.87 10.19 -8.99
C ALA A 31 -1.40 9.01 -9.86
N VAL A 32 -2.36 8.40 -10.58
CA VAL A 32 -2.08 7.35 -11.53
C VAL A 32 -2.48 7.90 -12.89
N GLU A 33 -1.62 7.66 -13.88
CA GLU A 33 -1.89 8.14 -15.22
C GLU A 33 -2.24 6.92 -16.07
N LEU A 34 -3.32 7.08 -16.85
CA LEU A 34 -3.83 6.05 -17.70
C LEU A 34 -2.71 5.44 -18.55
N PRO A 35 -1.76 6.21 -19.14
CA PRO A 35 -0.66 5.60 -19.87
C PRO A 35 0.12 4.48 -19.13
N ASP A 36 0.36 4.67 -17.82
CA ASP A 36 1.05 3.66 -16.99
C ASP A 36 0.19 2.38 -16.90
N VAL A 37 -1.13 2.57 -16.81
CA VAL A 37 -2.04 1.43 -16.67
C VAL A 37 -2.04 0.63 -17.98
N LEU A 38 -2.11 1.33 -19.11
CA LEU A 38 -2.12 0.65 -20.41
C LEU A 38 -0.78 -0.06 -20.66
N GLU A 39 0.34 0.57 -20.25
CA GLU A 39 1.67 -0.05 -20.36
CA GLU A 39 1.66 -0.06 -20.36
C GLU A 39 1.68 -1.35 -19.53
N PHE A 40 1.15 -1.27 -18.31
CA PHE A 40 1.11 -2.40 -17.40
C PHE A 40 0.33 -3.56 -18.04
N VAL A 41 -0.85 -3.28 -18.60
CA VAL A 41 -1.71 -4.32 -19.20
C VAL A 41 -1.00 -5.00 -20.39
N ARG A 42 -0.35 -4.21 -21.27
CA ARG A 42 0.34 -4.79 -22.45
C ARG A 42 1.43 -5.76 -21.98
N LEU A 43 2.22 -5.34 -21.00
CA LEU A 43 3.28 -6.17 -20.42
C LEU A 43 2.68 -7.44 -19.83
N LEU A 44 1.57 -7.28 -19.12
CA LEU A 44 0.91 -8.37 -18.45
C LEU A 44 0.51 -9.46 -19.44
N GLU A 45 -0.03 -9.05 -20.59
CA GLU A 45 -0.52 -9.95 -21.61
C GLU A 45 0.62 -10.78 -22.21
N LYS A 46 1.86 -10.31 -22.11
CA LYS A 46 3.03 -10.95 -22.75
C LYS A 46 3.85 -11.77 -21.75
N GLU A 47 3.46 -11.78 -20.48
CA GLU A 47 4.19 -12.51 -19.44
C GLU A 47 4.15 -14.02 -19.77
N LYS A 48 5.30 -14.68 -19.76
CA LYS A 48 5.38 -16.12 -20.06
C LYS A 48 4.92 -16.93 -18.85
N LYS A 49 5.32 -16.53 -17.65
CA LYS A 49 4.92 -17.24 -16.42
C LYS A 49 3.51 -16.81 -16.00
N ALA A 50 2.70 -17.79 -15.61
CA ALA A 50 1.37 -17.57 -15.06
C ALA A 50 1.53 -17.20 -13.59
N GLY A 51 0.52 -16.55 -13.00
CA GLY A 51 0.46 -16.32 -11.56
C GLY A 51 1.47 -15.30 -11.03
N THR A 52 1.80 -14.27 -11.80
CA THR A 52 2.81 -13.32 -11.31
C THR A 52 2.18 -12.27 -10.37
N LEU A 53 0.85 -12.10 -10.37
CA LEU A 53 0.24 -11.05 -9.56
C LEU A 53 -0.41 -11.69 -8.31
N PHE A 54 -0.01 -11.22 -7.14
CA PHE A 54 -0.50 -11.73 -5.85
C PHE A 54 -1.75 -10.96 -5.42
N TYR A 55 -2.67 -11.63 -4.74
CA TYR A 55 -3.87 -10.96 -4.29
C TYR A 55 -3.59 -10.36 -2.91
N THR A 56 -4.51 -9.54 -2.44
CA THR A 56 -4.34 -8.82 -1.21
C THR A 56 -5.45 -9.23 -0.24
N ASP A 57 -5.63 -8.41 0.81
CA ASP A 57 -6.59 -8.69 1.86
C ASP A 57 -8.01 -8.69 1.26
N ASP A 58 -8.21 -7.91 0.19
CA ASP A 58 -9.51 -7.86 -0.49
C ASP A 58 -9.96 -9.27 -0.88
N THR A 59 -9.06 -10.01 -1.55
CA THR A 59 -9.33 -11.36 -1.98
C THR A 59 -9.25 -12.34 -0.80
N ALA A 60 -8.28 -12.18 0.11
CA ALA A 60 -8.17 -13.09 1.27
C ALA A 60 -9.51 -13.16 2.02
N MET A 61 -10.13 -12.00 2.25
CA MET A 61 -11.36 -11.96 3.01
C MET A 61 -12.54 -12.47 2.15
N THR A 62 -12.53 -12.20 0.84
CA THR A 62 -13.50 -12.73 -0.09
C THR A 62 -13.52 -14.26 -0.02
N ARG A 63 -12.34 -14.87 -0.01
CA ARG A 63 -12.24 -16.33 0.02
C ARG A 63 -12.80 -16.85 1.36
N ALA A 64 -12.58 -16.10 2.45
CA ALA A 64 -13.11 -16.50 3.77
C ALA A 64 -14.65 -16.38 3.80
N VAL A 65 -15.21 -15.30 3.23
CA VAL A 65 -16.68 -15.19 3.09
C VAL A 65 -17.24 -16.43 2.36
N ILE A 66 -16.63 -16.78 1.21
CA ILE A 66 -17.11 -17.88 0.38
C ILE A 66 -17.02 -19.20 1.17
N GLN A 67 -15.92 -19.44 1.89
CA GLN A 67 -15.80 -20.71 2.60
C GLN A 67 -16.85 -20.79 3.73
N SER A 68 -17.17 -19.66 4.35
CA SER A 68 -18.22 -19.62 5.37
C SER A 68 -19.59 -19.95 4.77
N LEU A 69 -19.93 -19.33 3.62
CA LEU A 69 -21.23 -19.53 2.98
C LEU A 69 -21.37 -20.98 2.53
N ILE A 70 -20.29 -21.60 2.06
CA ILE A 70 -20.35 -22.98 1.58
C ILE A 70 -20.52 -23.92 2.78
N ALA A 71 -19.83 -23.65 3.89
CA ALA A 71 -19.93 -24.48 5.09
C ALA A 71 -21.28 -24.29 5.81
N LYS A 72 -21.79 -23.05 5.80
CA LYS A 72 -23.01 -22.67 6.52
C LYS A 72 -23.89 -21.83 5.60
N PRO A 73 -24.60 -22.48 4.65
CA PRO A 73 -25.34 -21.77 3.62
C PRO A 73 -26.47 -20.85 4.13
N ASP A 74 -26.92 -21.07 5.37
CA ASP A 74 -27.99 -20.28 5.97
C ASP A 74 -27.42 -18.98 6.55
N PHE A 75 -26.09 -18.83 6.52
CA PHE A 75 -25.34 -17.67 6.99
C PHE A 75 -25.10 -17.78 8.50
N ASP A 76 -23.84 -17.96 8.87
CA ASP A 76 -23.42 -18.14 10.25
C ASP A 76 -22.29 -17.16 10.55
N GLU A 77 -22.64 -16.05 11.19
CA GLU A 77 -21.74 -14.94 11.45
C GLU A 77 -20.61 -15.35 12.42
N VAL A 78 -20.86 -16.33 13.30
CA VAL A 78 -19.84 -16.84 14.21
C VAL A 78 -18.77 -17.62 13.41
N ASP A 79 -19.24 -18.49 12.52
CA ASP A 79 -18.38 -19.24 11.63
C ASP A 79 -17.55 -18.24 10.79
N MET A 80 -18.22 -17.23 10.23
CA MET A 80 -17.56 -16.29 9.34
C MET A 80 -16.49 -15.49 10.10
N ALA A 81 -16.81 -15.05 11.33
CA ALA A 81 -15.88 -14.28 12.16
C ALA A 81 -14.60 -15.08 12.41
N LYS A 82 -14.79 -16.36 12.73
CA LYS A 82 -13.70 -17.27 12.96
C LYS A 82 -12.82 -17.38 11.72
N ARG A 83 -13.43 -17.54 10.54
CA ARG A 83 -12.67 -17.68 9.28
C ARG A 83 -11.86 -16.42 8.99
N PHE A 84 -12.46 -15.24 9.18
CA PHE A 84 -11.75 -13.95 9.05
C PHE A 84 -10.51 -13.92 9.94
N ALA A 85 -10.70 -14.23 11.22
CA ALA A 85 -9.63 -14.18 12.22
C ALA A 85 -8.54 -15.21 11.90
N GLU A 86 -8.91 -16.43 11.51
CA GLU A 86 -7.90 -17.47 11.23
C GLU A 86 -7.16 -17.17 9.92
N GLU A 87 -7.83 -16.53 8.95
CA GLU A 87 -7.18 -16.19 7.69
C GLU A 87 -6.12 -15.10 7.96
N TYR A 88 -6.52 -14.08 8.72
CA TYR A 88 -5.60 -13.05 9.16
C TYR A 88 -4.37 -13.70 9.83
N LYS A 89 -4.63 -14.56 10.81
CA LYS A 89 -3.56 -15.21 11.58
C LYS A 89 -2.61 -15.97 10.66
N LYS A 90 -3.16 -16.67 9.67
CA LYS A 90 -2.39 -17.48 8.75
C LYS A 90 -1.53 -16.59 7.82
N GLU A 91 -2.10 -15.50 7.32
CA GLU A 91 -1.46 -14.68 6.29
C GLU A 91 -1.64 -13.20 6.67
N PRO A 92 -0.95 -12.75 7.74
CA PRO A 92 -1.17 -11.40 8.28
C PRO A 92 -0.61 -10.25 7.43
N THR A 93 0.19 -10.54 6.40
CA THR A 93 0.83 -9.46 5.64
C THR A 93 0.14 -9.20 4.30
N ARG A 94 -1.12 -9.61 4.11
CA ARG A 94 -1.80 -9.51 2.80
C ARG A 94 -2.19 -8.05 2.46
N GLY A 95 -2.24 -7.17 3.46
CA GLY A 95 -2.38 -5.71 3.27
C GLY A 95 -3.57 -5.12 4.05
N TYR A 96 -3.89 -5.70 5.20
CA TYR A 96 -5.02 -5.32 6.01
C TYR A 96 -4.86 -3.90 6.56
N GLY A 97 -5.99 -3.20 6.75
CA GLY A 97 -5.96 -1.89 7.40
C GLY A 97 -5.44 -1.97 8.83
N ALA A 98 -4.86 -0.88 9.33
CA ALA A 98 -4.25 -0.85 10.65
C ALA A 98 -5.29 -1.07 11.75
N GLY A 99 -6.51 -0.54 11.55
CA GLY A 99 -7.59 -0.68 12.51
C GLY A 99 -8.11 -2.11 12.61
N VAL A 100 -8.37 -2.74 11.46
CA VAL A 100 -9.11 -4.01 11.43
C VAL A 100 -8.27 -5.15 12.03
N VAL A 101 -6.95 -4.97 12.03
CA VAL A 101 -6.03 -5.92 12.63
C VAL A 101 -6.41 -6.15 14.09
N GLN A 102 -6.84 -5.07 14.78
CA GLN A 102 -7.21 -5.14 16.19
C GLN A 102 -8.48 -5.97 16.35
N VAL A 103 -9.41 -5.88 15.39
CA VAL A 103 -10.62 -6.70 15.45
C VAL A 103 -10.22 -8.18 15.40
N PHE A 104 -9.29 -8.54 14.52
CA PHE A 104 -8.91 -9.94 14.37
C PHE A 104 -8.22 -10.45 15.64
N LYS A 105 -7.36 -9.64 16.24
CA LYS A 105 -6.63 -10.05 17.43
C LYS A 105 -7.61 -10.30 18.58
N LYS A 106 -8.64 -9.44 18.70
CA LYS A 106 -9.65 -9.58 19.72
C LYS A 106 -10.51 -10.83 19.46
N LEU A 107 -10.88 -11.09 18.20
CA LEU A 107 -11.66 -12.29 17.88
C LEU A 107 -10.83 -13.56 18.15
N LEU A 108 -9.49 -13.47 18.03
CA LEU A 108 -8.58 -14.62 18.26
C LEU A 108 -8.38 -14.89 19.76
N SER A 109 -8.61 -13.89 20.61
CA SER A 109 -8.51 -14.02 22.06
C SER A 109 -9.75 -14.70 22.63
N PRO A 110 -9.71 -15.22 23.88
CA PRO A 110 -10.90 -15.79 24.52
C PRO A 110 -11.81 -14.80 25.26
N LYS A 111 -11.55 -13.49 25.14
CA LYS A 111 -12.22 -12.44 25.93
C LYS A 111 -13.63 -12.15 25.41
N TYR A 112 -13.88 -12.38 24.12
CA TYR A 112 -15.13 -11.97 23.48
C TYR A 112 -15.96 -13.20 23.10
N SER A 113 -17.21 -13.23 23.59
CA SER A 113 -18.18 -14.22 23.16
C SER A 113 -19.13 -13.63 22.10
N ASP A 114 -19.19 -12.29 22.00
CA ASP A 114 -20.03 -11.62 21.02
C ASP A 114 -19.12 -11.20 19.87
N VAL A 115 -19.25 -11.87 18.72
CA VAL A 115 -18.33 -11.68 17.57
C VAL A 115 -18.45 -10.27 16.97
N PHE A 116 -19.49 -9.50 17.30
CA PHE A 116 -19.70 -8.14 16.76
C PHE A 116 -19.09 -7.08 17.69
N GLN A 117 -18.68 -7.48 18.92
CA GLN A 117 -18.30 -6.53 19.94
C GLN A 117 -16.97 -5.89 19.58
N PRO A 118 -15.93 -6.65 19.14
CA PRO A 118 -14.66 -6.03 18.75
C PRO A 118 -14.82 -4.90 17.73
N ALA A 119 -15.68 -5.12 16.72
CA ALA A 119 -15.95 -4.09 15.69
C ALA A 119 -16.61 -2.85 16.31
N ARG A 120 -17.48 -3.06 17.31
CA ARG A 120 -18.17 -1.93 17.95
C ARG A 120 -17.16 -1.02 18.67
N GLU A 121 -16.06 -1.62 19.15
CA GLU A 121 -15.07 -0.92 20.01
C GLU A 121 -14.09 -0.08 19.19
N GLN A 122 -14.03 -0.33 17.87
CA GLN A 122 -13.09 0.35 16.98
C GLN A 122 -13.30 1.88 17.00
N PHE A 123 -12.19 2.62 16.91
CA PHE A 123 -12.16 4.08 16.87
C PHE A 123 -13.08 4.67 17.93
N ASP A 124 -12.77 4.35 19.20
CA ASP A 124 -13.42 4.92 20.39
CA ASP A 124 -13.42 4.90 20.40
C ASP A 124 -14.94 4.64 20.35
N GLY A 125 -15.33 3.46 19.85
CA GLY A 125 -16.73 3.04 19.84
C GLY A 125 -17.55 3.58 18.66
N LYS A 126 -16.91 4.31 17.74
CA LYS A 126 -17.58 4.84 16.54
C LYS A 126 -17.63 3.79 15.42
N GLY A 127 -16.68 2.85 15.43
CA GLY A 127 -16.59 1.79 14.42
C GLY A 127 -15.90 2.28 13.16
N SER A 128 -15.39 1.34 12.36
CA SER A 128 -14.66 1.68 11.15
C SER A 128 -15.66 2.08 10.05
N TYR A 129 -15.32 3.14 9.31
CA TYR A 129 -16.04 3.53 8.09
C TYR A 129 -15.23 3.19 6.82
N GLY A 130 -14.23 2.31 6.97
CA GLY A 130 -13.42 1.80 5.83
C GLY A 130 -14.21 0.93 4.88
N ASN A 131 -13.61 0.61 3.73
CA ASN A 131 -14.29 -0.08 2.64
C ASN A 131 -14.07 -1.60 2.73
N GLY A 132 -13.50 -2.07 3.84
CA GLY A 132 -13.18 -3.47 4.05
C GLY A 132 -14.42 -4.36 4.13
N GLY A 133 -15.54 -3.83 4.62
CA GLY A 133 -16.80 -4.56 4.58
C GLY A 133 -17.28 -4.77 3.16
N ALA A 134 -17.12 -3.74 2.33
CA ALA A 134 -17.59 -3.73 0.96
C ALA A 134 -16.67 -4.54 0.03
N MET A 135 -15.37 -4.60 0.31
CA MET A 135 -14.41 -5.15 -0.61
C MET A 135 -14.63 -6.66 -0.80
N ARG A 136 -15.28 -7.28 0.19
CA ARG A 136 -15.42 -8.74 0.31
C ARG A 136 -16.88 -9.20 0.17
N VAL A 137 -17.79 -8.26 -0.07
CA VAL A 137 -19.23 -8.56 0.14
C VAL A 137 -19.90 -9.15 -1.10
N ALA A 138 -19.26 -9.04 -2.28
CA ALA A 138 -19.88 -9.43 -3.56
C ALA A 138 -20.55 -10.82 -3.46
N SER A 139 -19.87 -11.76 -2.80
CA SER A 139 -20.32 -13.14 -2.78
C SER A 139 -21.71 -13.29 -2.11
N ILE A 140 -22.09 -12.34 -1.26
CA ILE A 140 -23.42 -12.39 -0.61
C ILE A 140 -24.47 -12.33 -1.72
N ALA A 141 -24.27 -11.41 -2.69
CA ALA A 141 -25.19 -11.24 -3.83
C ALA A 141 -25.17 -12.45 -4.78
N LEU A 142 -24.06 -13.21 -4.78
CA LEU A 142 -23.93 -14.38 -5.62
C LEU A 142 -24.55 -15.63 -4.95
N ALA A 143 -24.81 -15.58 -3.64
CA ALA A 143 -25.31 -16.74 -2.93
C ALA A 143 -26.81 -16.62 -2.60
N TYR A 144 -27.35 -15.40 -2.58
CA TYR A 144 -28.71 -15.14 -2.08
C TYR A 144 -29.47 -14.36 -3.13
N PRO A 145 -30.37 -15.02 -3.87
CA PRO A 145 -31.15 -14.35 -4.92
C PRO A 145 -32.12 -13.27 -4.42
N ASN A 146 -32.68 -13.47 -3.22
CA ASN A 146 -33.70 -12.57 -2.63
C ASN A 146 -33.00 -11.32 -2.06
N ILE A 147 -33.42 -10.15 -2.51
CA ILE A 147 -32.83 -8.89 -2.11
C ILE A 147 -32.87 -8.68 -0.59
N GLN A 148 -33.93 -9.11 0.13
CA GLN A 148 -33.97 -8.84 1.57
CA GLN A 148 -34.03 -8.94 1.60
C GLN A 148 -32.85 -9.66 2.27
N ASP A 149 -32.52 -10.85 1.76
CA ASP A 149 -31.41 -11.66 2.25
C ASP A 149 -30.06 -10.96 1.97
N VAL A 150 -29.92 -10.41 0.75
CA VAL A 150 -28.73 -9.72 0.32
C VAL A 150 -28.47 -8.56 1.28
N ILE A 151 -29.50 -7.75 1.52
CA ILE A 151 -29.35 -6.60 2.42
C ILE A 151 -28.96 -7.08 3.82
N LYS A 152 -29.68 -8.04 4.42
CA LYS A 152 -29.43 -8.31 5.84
C LYS A 152 -28.07 -9.01 6.02
N PHE A 153 -27.72 -9.92 5.10
CA PHE A 153 -26.45 -10.64 5.21
C PHE A 153 -25.25 -9.76 4.79
N ALA A 154 -25.44 -8.82 3.87
CA ALA A 154 -24.40 -7.87 3.57
C ALA A 154 -24.07 -7.09 4.84
N ARG A 155 -25.12 -6.61 5.51
CA ARG A 155 -24.96 -5.79 6.69
C ARG A 155 -24.22 -6.60 7.77
N ARG A 156 -24.69 -7.81 8.05
CA ARG A 156 -24.14 -8.57 9.16
C ARG A 156 -22.69 -8.98 8.86
N SER A 157 -22.40 -9.42 7.63
CA SER A 157 -21.02 -9.78 7.28
C SER A 157 -20.11 -8.56 7.53
N ALA A 158 -20.58 -7.37 7.13
CA ALA A 158 -19.78 -6.16 7.25
C ALA A 158 -19.54 -5.80 8.71
N GLN A 159 -20.59 -5.96 9.54
CA GLN A 159 -20.55 -5.54 10.92
C GLN A 159 -19.57 -6.38 11.74
N LEU A 160 -19.09 -7.51 11.20
CA LEU A 160 -18.01 -8.27 11.89
C LEU A 160 -16.74 -7.42 12.03
N THR A 161 -16.53 -6.45 11.13
CA THR A 161 -15.33 -5.62 11.15
C THR A 161 -15.67 -4.12 11.15
N HIS A 162 -16.85 -3.74 10.62
CA HIS A 162 -17.21 -2.34 10.34
C HIS A 162 -18.57 -2.00 10.96
N ALA A 163 -18.52 -1.42 12.16
CA ALA A 163 -19.69 -1.15 12.98
C ALA A 163 -20.25 0.25 12.70
N SER A 164 -19.51 1.10 11.98
CA SER A 164 -20.06 2.40 11.60
C SER A 164 -21.10 2.23 10.50
N PRO A 165 -22.25 2.94 10.55
CA PRO A 165 -23.19 2.95 9.43
C PRO A 165 -22.55 3.23 8.06
N LEU A 166 -21.53 4.10 8.01
CA LEU A 166 -20.87 4.36 6.73
C LEU A 166 -20.19 3.09 6.22
N GLY A 167 -19.58 2.34 7.14
CA GLY A 167 -18.93 1.07 6.79
C GLY A 167 -19.92 0.03 6.29
N TYR A 168 -20.99 -0.23 7.07
CA TYR A 168 -21.83 -1.37 6.75
C TYR A 168 -22.84 -1.00 5.65
N ASN A 169 -23.25 0.27 5.56
CA ASN A 169 -24.14 0.68 4.46
C ASN A 169 -23.38 0.69 3.13
N GLY A 170 -22.07 0.98 3.17
CA GLY A 170 -21.20 0.87 1.99
C GLY A 170 -21.18 -0.57 1.48
N ALA A 171 -21.11 -1.51 2.42
CA ALA A 171 -21.15 -2.93 2.06
C ALA A 171 -22.50 -3.28 1.43
N ILE A 172 -23.60 -2.79 2.01
CA ILE A 172 -24.92 -3.11 1.47
C ILE A 172 -25.00 -2.61 0.01
N LEU A 173 -24.53 -1.38 -0.20
CA LEU A 173 -24.60 -0.75 -1.52
C LEU A 173 -23.83 -1.59 -2.56
N GLN A 174 -22.64 -2.07 -2.17
CA GLN A 174 -21.81 -2.84 -3.07
C GLN A 174 -22.49 -4.20 -3.32
N ALA A 175 -23.10 -4.80 -2.30
CA ALA A 175 -23.82 -6.06 -2.48
C ALA A 175 -25.02 -5.84 -3.44
N LEU A 176 -25.75 -4.73 -3.25
CA LEU A 176 -26.90 -4.40 -4.12
C LEU A 176 -26.45 -4.19 -5.57
N ALA A 177 -25.30 -3.55 -5.76
CA ALA A 177 -24.81 -3.28 -7.11
C ALA A 177 -24.55 -4.62 -7.81
N VAL A 178 -23.92 -5.56 -7.12
CA VAL A 178 -23.64 -6.85 -7.72
C VAL A 178 -24.98 -7.57 -7.98
N HIS A 179 -25.88 -7.55 -6.99
CA HIS A 179 -27.22 -8.13 -7.12
C HIS A 179 -27.93 -7.65 -8.40
N PHE A 180 -28.03 -6.34 -8.60
CA PHE A 180 -28.76 -5.81 -9.75
C PHE A 180 -27.98 -6.05 -11.05
N ALA A 181 -26.63 -6.09 -11.02
CA ALA A 181 -25.84 -6.41 -12.22
C ALA A 181 -26.12 -7.86 -12.67
N LEU A 182 -26.38 -8.71 -11.70
CA LEU A 182 -26.38 -10.12 -11.87
C LEU A 182 -27.71 -10.57 -12.48
N GLN A 183 -28.78 -9.93 -12.00
CA GLN A 183 -30.17 -10.35 -12.26
C GLN A 183 -30.66 -9.53 -13.45
N GLY A 184 -30.36 -10.07 -14.64
CA GLY A 184 -30.63 -9.43 -15.91
C GLY A 184 -29.41 -8.68 -16.41
N GLU A 185 -29.61 -8.03 -17.57
CA GLU A 185 -28.74 -7.01 -18.07
C GLU A 185 -29.55 -5.71 -18.12
N LEU A 186 -29.71 -5.10 -16.94
CA LEU A 186 -30.39 -3.82 -16.80
C LEU A 186 -29.67 -2.75 -17.62
N LYS A 187 -30.47 -1.78 -18.10
CA LYS A 187 -29.99 -0.54 -18.66
C LYS A 187 -29.48 0.36 -17.53
N ARG A 188 -28.53 1.23 -17.88
CA ARG A 188 -27.91 2.16 -16.94
C ARG A 188 -28.94 2.85 -16.03
N ASP A 189 -29.96 3.47 -16.61
CA ASP A 189 -30.84 4.34 -15.84
C ASP A 189 -31.63 3.51 -14.80
N THR A 190 -32.04 2.29 -15.17
CA THR A 190 -32.82 1.42 -14.29
C THR A 190 -31.93 0.97 -13.12
N PHE A 191 -30.70 0.56 -13.45
CA PHE A 191 -29.73 0.11 -12.47
C PHE A 191 -29.55 1.16 -11.37
N LEU A 192 -29.31 2.42 -11.73
CA LEU A 192 -29.14 3.49 -10.75
C LEU A 192 -30.43 3.72 -9.96
N GLU A 193 -31.56 3.72 -10.65
CA GLU A 193 -32.86 3.90 -9.99
C GLU A 193 -33.06 2.80 -8.94
N GLN A 194 -32.72 1.55 -9.29
CA GLN A 194 -32.82 0.43 -8.35
C GLN A 194 -31.99 0.76 -7.10
N LEU A 195 -30.72 1.18 -7.28
CA LEU A 195 -29.82 1.47 -6.14
C LEU A 195 -30.29 2.66 -5.32
N ILE A 196 -30.70 3.74 -5.98
CA ILE A 196 -31.07 4.95 -5.27
C ILE A 196 -32.33 4.65 -4.42
N GLY A 197 -33.29 3.94 -5.03
CA GLY A 197 -34.51 3.49 -4.33
C GLY A 197 -34.20 2.69 -3.08
N GLU A 198 -33.30 1.71 -3.18
CA GLU A 198 -32.97 0.87 -2.04
C GLU A 198 -32.22 1.69 -0.97
N MET A 199 -31.26 2.53 -1.38
CA MET A 199 -30.44 3.21 -0.39
C MET A 199 -31.25 4.32 0.30
N GLU A 200 -32.20 4.93 -0.40
CA GLU A 200 -33.09 5.91 0.24
C GLU A 200 -33.84 5.25 1.41
N ARG A 201 -34.40 4.06 1.18
CA ARG A 201 -35.12 3.32 2.22
C ARG A 201 -34.16 2.99 3.37
N ILE A 202 -32.96 2.50 3.05
CA ILE A 202 -31.99 1.96 4.03
C ILE A 202 -31.37 3.10 4.85
N GLU A 203 -31.00 4.20 4.20
CA GLU A 203 -30.38 5.33 4.88
C GLU A 203 -31.46 6.19 5.56
N GLY A 204 -32.65 6.26 4.95
CA GLY A 204 -33.75 7.17 5.37
C GLY A 204 -34.75 6.49 6.28
N LYS A 222 -26.71 14.50 4.53
CA LYS A 222 -27.81 13.95 5.32
C LYS A 222 -27.97 12.45 5.02
N LEU A 223 -28.21 12.08 3.75
CA LEU A 223 -28.17 10.66 3.26
C LEU A 223 -26.92 10.49 2.39
N PRO A 224 -25.77 10.16 3.01
CA PRO A 224 -24.47 10.26 2.34
C PRO A 224 -24.34 9.46 1.03
N PHE A 225 -24.74 8.18 1.06
CA PHE A 225 -24.59 7.33 -0.14
C PHE A 225 -25.57 7.74 -1.24
N CYS A 226 -26.79 8.13 -0.87
CA CYS A 226 -27.77 8.56 -1.84
C CYS A 226 -27.27 9.79 -2.58
N SER A 227 -26.64 10.71 -1.86
CA SER A 227 -26.15 11.96 -2.41
CA SER A 227 -26.15 11.96 -2.41
C SER A 227 -25.07 11.65 -3.46
N ARG A 228 -24.23 10.65 -3.18
CA ARG A 228 -23.19 10.28 -4.12
C ARG A 228 -23.83 9.63 -5.34
N LEU A 229 -24.80 8.73 -5.12
CA LEU A 229 -25.49 8.08 -6.23
C LEU A 229 -26.19 9.12 -7.13
N LYS A 230 -26.72 10.19 -6.52
CA LYS A 230 -27.35 11.30 -7.28
C LYS A 230 -26.29 12.01 -8.14
N LYS A 231 -25.11 12.27 -7.56
CA LYS A 231 -23.99 12.90 -8.32
C LYS A 231 -23.62 12.00 -9.51
N ILE A 232 -23.68 10.68 -9.32
CA ILE A 232 -23.36 9.74 -10.37
C ILE A 232 -24.33 9.90 -11.53
N LYS A 233 -25.63 9.95 -11.23
CA LYS A 233 -26.67 10.21 -12.21
C LYS A 233 -26.30 11.43 -13.06
N GLU A 234 -25.88 12.51 -12.39
CA GLU A 234 -25.52 13.77 -13.03
C GLU A 234 -24.31 13.57 -13.96
N PHE A 235 -23.27 12.90 -13.43
CA PHE A 235 -22.05 12.68 -14.19
C PHE A 235 -22.33 11.89 -15.47
N LEU A 236 -23.18 10.87 -15.37
CA LEU A 236 -23.46 10.00 -16.52
C LEU A 236 -24.29 10.77 -17.57
N ALA A 237 -25.01 11.82 -17.16
CA ALA A 237 -25.75 12.69 -18.13
C ALA A 237 -24.80 13.67 -18.86
N SER A 238 -23.53 13.77 -18.45
CA SER A 238 -22.52 14.58 -19.12
C SER A 238 -21.61 13.69 -19.96
N SER A 239 -20.77 14.33 -20.77
CA SER A 239 -19.69 13.65 -21.46
C SER A 239 -18.36 14.36 -21.15
N ASN A 240 -17.26 13.62 -21.29
CA ASN A 240 -15.90 14.13 -21.08
C ASN A 240 -15.77 14.75 -19.68
N VAL A 241 -16.32 14.06 -18.66
CA VAL A 241 -16.11 14.45 -17.29
C VAL A 241 -14.65 14.13 -16.95
N PRO A 242 -13.81 15.12 -16.56
CA PRO A 242 -12.43 14.83 -16.19
C PRO A 242 -12.34 13.95 -14.93
N LYS A 243 -11.31 13.11 -14.90
CA LYS A 243 -10.94 12.28 -13.77
C LYS A 243 -11.00 13.14 -12.49
N ALA A 244 -10.42 14.34 -12.55
CA ALA A 244 -10.29 15.17 -11.37
C ALA A 244 -11.66 15.43 -10.74
N ASP A 245 -12.70 15.63 -11.56
CA ASP A 245 -14.06 15.91 -11.06
C ASP A 245 -14.65 14.65 -10.40
N ILE A 246 -14.38 13.48 -10.98
CA ILE A 246 -14.85 12.22 -10.39
C ILE A 246 -14.19 12.03 -9.03
N VAL A 247 -12.87 12.23 -8.97
CA VAL A 247 -12.14 12.02 -7.73
C VAL A 247 -12.62 13.02 -6.68
N ASP A 248 -12.75 14.30 -7.07
CA ASP A 248 -13.09 15.36 -6.14
C ASP A 248 -14.49 15.12 -5.54
N GLU A 249 -15.45 14.69 -6.37
CA GLU A 249 -16.86 14.62 -5.95
C GLU A 249 -17.24 13.23 -5.40
N LEU A 250 -16.65 12.16 -5.92
CA LEU A 250 -16.99 10.80 -5.46
C LEU A 250 -15.89 10.25 -4.54
N GLY A 251 -14.62 10.55 -4.84
CA GLY A 251 -13.50 10.09 -4.01
C GLY A 251 -12.76 8.91 -4.65
N HIS A 252 -11.61 8.59 -4.08
CA HIS A 252 -10.86 7.42 -4.41
C HIS A 252 -10.19 6.91 -3.13
N GLY A 253 -10.90 7.01 -2.00
CA GLY A 253 -10.28 6.83 -0.68
C GLY A 253 -10.53 5.44 -0.10
N ILE A 254 -9.92 5.20 1.06
CA ILE A 254 -10.11 3.96 1.82
CA ILE A 254 -10.11 3.98 1.83
C ILE A 254 -11.50 3.98 2.49
N ALA A 255 -12.08 5.17 2.66
CA ALA A 255 -13.43 5.23 3.29
C ALA A 255 -14.48 4.64 2.33
N ALA A 256 -15.44 3.89 2.87
CA ALA A 256 -16.47 3.28 2.02
C ALA A 256 -17.22 4.35 1.22
N LEU A 257 -17.49 5.50 1.85
CA LEU A 257 -18.24 6.57 1.18
C LEU A 257 -17.46 7.11 -0.05
N GLU A 258 -16.14 7.02 0.01
CA GLU A 258 -15.26 7.63 -1.01
C GLU A 258 -14.73 6.56 -1.99
N SER A 259 -15.30 5.34 -1.95
CA SER A 259 -14.85 4.29 -2.84
C SER A 259 -16.00 3.48 -3.45
N VAL A 260 -17.05 3.17 -2.70
CA VAL A 260 -18.07 2.28 -3.23
C VAL A 260 -18.81 2.98 -4.37
N PRO A 261 -19.27 4.23 -4.22
CA PRO A 261 -19.92 4.91 -5.34
C PRO A 261 -18.97 5.05 -6.53
N THR A 262 -17.68 5.28 -6.26
CA THR A 262 -16.70 5.41 -7.32
C THR A 262 -16.59 4.12 -8.15
N ALA A 263 -16.61 2.97 -7.47
CA ALA A 263 -16.61 1.67 -8.16
C ALA A 263 -17.85 1.53 -9.05
N ILE A 264 -19.00 1.95 -8.52
CA ILE A 264 -20.28 1.86 -9.24
C ILE A 264 -20.24 2.78 -10.46
N TYR A 265 -19.70 3.98 -10.28
CA TYR A 265 -19.56 4.90 -11.39
C TYR A 265 -18.68 4.28 -12.49
N SER A 266 -17.56 3.66 -12.09
CA SER A 266 -16.62 3.07 -13.06
C SER A 266 -17.35 2.05 -13.92
N PHE A 267 -18.12 1.17 -13.25
CA PHE A 267 -18.90 0.18 -13.94
C PHE A 267 -19.86 0.83 -14.95
N LEU A 268 -20.66 1.81 -14.50
CA LEU A 268 -21.71 2.40 -15.33
C LEU A 268 -21.08 3.17 -16.50
N HIS A 269 -20.03 3.94 -16.20
CA HIS A 269 -19.28 4.71 -17.22
C HIS A 269 -18.79 3.80 -18.35
N CYS A 270 -18.23 2.64 -17.96
CA CYS A 270 -17.53 1.75 -18.89
C CYS A 270 -18.48 0.78 -19.62
N MET A 271 -19.79 0.91 -19.38
CA MET A 271 -20.78 0.30 -20.26
C MET A 271 -20.68 0.88 -21.67
N GLU A 272 -20.16 2.11 -21.81
CA GLU A 272 -19.98 2.73 -23.12
C GLU A 272 -18.49 2.95 -23.36
N SER A 273 -18.16 3.26 -24.62
CA SER A 273 -16.81 3.59 -25.01
CA SER A 273 -16.81 3.59 -25.01
C SER A 273 -16.30 4.75 -24.15
N ASP A 274 -15.04 4.65 -23.72
CA ASP A 274 -14.31 5.76 -23.12
C ASP A 274 -13.27 6.20 -24.16
N PRO A 275 -13.24 7.49 -24.56
CA PRO A 275 -12.37 7.92 -25.65
C PRO A 275 -10.87 7.67 -25.42
N ASP A 276 -10.44 7.57 -24.16
CA ASP A 276 -9.04 7.38 -23.78
C ASP A 276 -8.63 5.91 -23.77
N ILE A 277 -9.60 4.99 -23.74
CA ILE A 277 -9.27 3.56 -23.65
C ILE A 277 -9.56 2.88 -24.98
N PRO A 278 -8.56 2.27 -25.64
CA PRO A 278 -8.77 1.62 -26.93
C PRO A 278 -9.95 0.64 -26.87
N ASP A 279 -10.70 0.61 -27.96
CA ASP A 279 -11.91 -0.16 -28.01
CA ASP A 279 -11.91 -0.17 -28.14
C ASP A 279 -11.56 -1.64 -28.28
N LEU A 280 -10.27 -1.99 -28.40
CA LEU A 280 -9.98 -3.40 -28.46
C LEU A 280 -10.05 -4.04 -27.06
N TYR A 281 -10.13 -3.24 -25.99
CA TYR A 281 -10.44 -3.79 -24.63
C TYR A 281 -11.97 -3.97 -24.51
N ASN A 282 -12.41 -5.12 -23.96
CA ASN A 282 -13.84 -5.34 -23.75
C ASN A 282 -14.31 -4.48 -22.58
N ASN A 283 -15.63 -4.52 -22.28
CA ASN A 283 -16.21 -3.67 -21.22
C ASN A 283 -15.63 -3.95 -19.83
N LEU A 284 -15.42 -5.22 -19.48
CA LEU A 284 -14.87 -5.55 -18.18
CA LEU A 284 -14.86 -5.56 -18.17
C LEU A 284 -13.42 -5.04 -18.06
N GLN A 285 -12.63 -5.25 -19.11
CA GLN A 285 -11.21 -4.76 -19.15
C GLN A 285 -11.17 -3.24 -18.99
N ARG A 286 -12.03 -2.55 -19.75
CA ARG A 286 -12.17 -1.10 -19.71
C ARG A 286 -12.50 -0.67 -18.27
N THR A 287 -13.42 -1.41 -17.60
CA THR A 287 -13.85 -1.10 -16.25
C THR A 287 -12.68 -1.13 -15.29
N ILE A 288 -11.88 -2.18 -15.37
CA ILE A 288 -10.71 -2.33 -14.51
C ILE A 288 -9.66 -1.24 -14.81
N ILE A 289 -9.38 -1.02 -16.10
CA ILE A 289 -8.38 0.00 -16.52
C ILE A 289 -8.83 1.36 -16.00
N TYR A 290 -10.10 1.72 -16.26
CA TYR A 290 -10.65 2.99 -15.85
C TYR A 290 -10.58 3.14 -14.33
N SER A 291 -11.08 2.14 -13.57
CA SER A 291 -11.02 2.15 -12.09
C SER A 291 -9.61 2.48 -11.61
N ILE A 292 -8.63 1.74 -12.12
CA ILE A 292 -7.25 1.89 -11.65
C ILE A 292 -6.74 3.30 -12.00
N SER A 293 -7.11 3.78 -13.19
CA SER A 293 -6.72 5.12 -13.64
C SER A 293 -7.19 6.22 -12.68
N LEU A 294 -8.21 5.94 -11.84
CA LEU A 294 -8.69 6.97 -10.88
C LEU A 294 -7.73 7.15 -9.70
N GLY A 295 -6.80 6.20 -9.51
CA GLY A 295 -5.85 6.29 -8.42
C GLY A 295 -6.48 6.00 -7.06
N GLY A 296 -5.70 6.27 -6.01
CA GLY A 296 -6.09 6.09 -4.62
C GLY A 296 -6.07 4.63 -4.24
N ASP A 297 -7.20 4.18 -3.69
CA ASP A 297 -7.36 2.83 -3.24
C ASP A 297 -7.72 1.95 -4.44
N THR A 298 -6.75 1.73 -5.32
CA THR A 298 -6.94 1.15 -6.61
C THR A 298 -7.28 -0.34 -6.48
N ASP A 299 -6.69 -1.08 -5.54
CA ASP A 299 -7.02 -2.53 -5.49
C ASP A 299 -8.50 -2.70 -5.07
N THR A 300 -9.01 -1.83 -4.20
CA THR A 300 -10.34 -2.01 -3.65
C THR A 300 -11.39 -1.45 -4.62
N ILE A 301 -11.13 -0.29 -5.20
CA ILE A 301 -12.05 0.26 -6.15
C ILE A 301 -12.16 -0.68 -7.35
N ALA A 302 -11.02 -1.21 -7.84
CA ALA A 302 -11.06 -2.09 -8.98
C ALA A 302 -11.67 -3.45 -8.62
N THR A 303 -11.41 -3.98 -7.43
CA THR A 303 -12.01 -5.26 -7.04
C THR A 303 -13.54 -5.13 -6.97
N MET A 304 -14.05 -3.99 -6.50
CA MET A 304 -15.49 -3.77 -6.41
C MET A 304 -16.10 -3.53 -7.80
N ALA A 305 -15.50 -2.64 -8.61
CA ALA A 305 -15.98 -2.41 -9.96
C ALA A 305 -15.91 -3.70 -10.78
N GLY A 306 -14.85 -4.48 -10.58
CA GLY A 306 -14.66 -5.72 -11.32
C GLY A 306 -15.67 -6.78 -10.97
N ALA A 307 -16.07 -6.87 -9.70
CA ALA A 307 -17.12 -7.79 -9.29
C ALA A 307 -18.45 -7.41 -9.99
N ILE A 308 -18.77 -6.12 -10.01
CA ILE A 308 -20.02 -5.69 -10.60
C ILE A 308 -19.99 -6.00 -12.11
N ALA A 309 -18.91 -5.59 -12.78
CA ALA A 309 -18.77 -5.81 -14.20
C ALA A 309 -18.78 -7.31 -14.53
N GLY A 310 -18.11 -8.12 -13.71
CA GLY A 310 -18.06 -9.53 -13.94
C GLY A 310 -19.42 -10.20 -13.86
N ALA A 311 -20.21 -9.74 -12.89
CA ALA A 311 -21.58 -10.24 -12.72
C ALA A 311 -22.42 -9.89 -13.93
N TYR A 312 -22.19 -8.69 -14.46
CA TYR A 312 -22.98 -8.16 -15.58
C TYR A 312 -22.62 -8.84 -16.91
N TYR A 313 -21.32 -8.88 -17.25
CA TYR A 313 -20.85 -9.29 -18.60
C TYR A 313 -20.51 -10.77 -18.62
N GLY A 314 -20.17 -11.32 -17.45
CA GLY A 314 -19.86 -12.72 -17.28
C GLY A 314 -18.44 -13.06 -17.72
N MET A 315 -18.18 -14.35 -17.61
CA MET A 315 -16.89 -14.95 -17.85
C MET A 315 -16.40 -14.76 -19.31
N ASP A 316 -17.30 -14.55 -20.27
CA ASP A 316 -16.90 -14.31 -21.66
C ASP A 316 -15.94 -13.10 -21.76
N GLN A 317 -16.02 -12.14 -20.84
CA GLN A 317 -15.15 -10.97 -20.88
C GLN A 317 -13.96 -11.08 -19.93
N VAL A 318 -13.79 -12.23 -19.25
CA VAL A 318 -12.63 -12.48 -18.43
C VAL A 318 -11.61 -13.21 -19.31
N THR A 319 -10.64 -12.48 -19.89
CA THR A 319 -9.88 -13.07 -21.00
C THR A 319 -8.77 -13.97 -20.43
N PRO A 320 -8.42 -15.07 -21.13
CA PRO A 320 -7.36 -15.96 -20.71
C PRO A 320 -6.06 -15.25 -20.35
N SER A 321 -5.63 -14.27 -21.15
CA SER A 321 -4.31 -13.64 -20.90
C SER A 321 -4.35 -12.81 -19.61
N TRP A 322 -5.50 -12.21 -19.29
CA TRP A 322 -5.59 -11.47 -18.03
C TRP A 322 -5.66 -12.44 -16.83
N LYS A 323 -6.55 -13.42 -16.89
CA LYS A 323 -6.85 -14.19 -15.66
C LYS A 323 -5.66 -15.10 -15.29
N ARG A 324 -4.90 -15.59 -16.25
CA ARG A 324 -3.78 -16.50 -15.97
C ARG A 324 -2.71 -15.81 -15.12
N SER A 325 -2.73 -14.49 -15.08
CA SER A 325 -1.72 -13.73 -14.34
CA SER A 325 -1.74 -13.70 -14.34
C SER A 325 -2.01 -13.73 -12.82
N CYS A 326 -3.24 -14.09 -12.40
CA CYS A 326 -3.66 -13.91 -11.03
C CYS A 326 -3.42 -15.14 -10.17
N GLU A 327 -2.87 -14.90 -8.98
CA GLU A 327 -2.80 -15.90 -7.93
C GLU A 327 -4.22 -16.43 -7.67
N ALA A 328 -4.37 -17.76 -7.60
CA ALA A 328 -5.55 -18.45 -7.11
C ALA A 328 -6.71 -18.36 -8.11
N ILE A 329 -6.43 -18.16 -9.42
CA ILE A 329 -7.47 -18.09 -10.44
C ILE A 329 -8.20 -19.43 -10.53
N VAL A 330 -7.46 -20.53 -10.49
CA VAL A 330 -8.08 -21.86 -10.60
C VAL A 330 -9.04 -22.11 -9.41
N GLU A 331 -8.58 -21.80 -8.19
CA GLU A 331 -9.36 -21.98 -6.96
C GLU A 331 -10.60 -21.07 -7.02
N THR A 332 -10.42 -19.87 -7.58
CA THR A 332 -11.49 -18.90 -7.70
C THR A 332 -12.58 -19.44 -8.64
N GLU A 333 -12.19 -19.96 -9.80
CA GLU A 333 -13.13 -20.50 -10.77
C GLU A 333 -13.89 -21.68 -10.16
N GLU A 334 -13.18 -22.52 -9.41
CA GLU A 334 -13.82 -23.65 -8.74
C GLU A 334 -14.86 -23.16 -7.73
N SER A 335 -14.50 -22.16 -6.93
CA SER A 335 -15.34 -21.67 -5.84
C SER A 335 -16.68 -21.14 -6.39
N ALA A 336 -16.65 -20.62 -7.63
CA ALA A 336 -17.84 -20.09 -8.26
C ALA A 336 -18.92 -21.18 -8.41
N VAL A 337 -18.50 -22.41 -8.69
CA VAL A 337 -19.45 -23.48 -8.90
C VAL A 337 -20.22 -23.75 -7.58
N LYS A 338 -19.49 -23.78 -6.47
CA LYS A 338 -20.09 -24.03 -5.15
C LYS A 338 -21.00 -22.86 -4.74
N LEU A 339 -20.60 -21.62 -5.07
CA LEU A 339 -21.47 -20.44 -4.79
C LEU A 339 -22.76 -20.52 -5.62
N TYR A 340 -22.61 -20.92 -6.88
CA TYR A 340 -23.71 -21.01 -7.79
C TYR A 340 -24.72 -22.04 -7.28
N GLU A 341 -24.21 -23.13 -6.69
CA GLU A 341 -25.09 -24.13 -6.12
C GLU A 341 -25.91 -23.53 -4.97
N LEU A 342 -25.31 -22.67 -4.15
CA LEU A 342 -26.00 -21.96 -3.07
C LEU A 342 -27.14 -21.11 -3.65
N TYR A 343 -26.80 -20.35 -4.71
CA TYR A 343 -27.77 -19.50 -5.39
C TYR A 343 -28.96 -20.33 -5.89
N CYS A 344 -28.68 -21.43 -6.58
CA CYS A 344 -29.71 -22.25 -7.18
C CYS A 344 -30.59 -22.94 -6.12
N LYS A 345 -30.01 -23.35 -4.99
CA LYS A 345 -30.77 -23.97 -3.90
CA LYS A 345 -30.78 -23.96 -3.91
C LYS A 345 -31.78 -22.93 -3.35
N GLN A 346 -31.33 -21.69 -3.18
CA GLN A 346 -32.16 -20.60 -2.64
C GLN A 346 -33.34 -20.29 -3.58
N LEU A 347 -33.19 -20.52 -4.89
CA LEU A 347 -34.36 -20.48 -5.78
C LEU A 347 -35.26 -21.66 -5.41
N PRO B 2 35.32 13.40 15.55
CA PRO B 2 35.29 12.09 16.20
C PRO B 2 34.95 10.91 15.28
N MET B 3 35.40 9.72 15.70
CA MET B 3 35.06 8.44 15.10
C MET B 3 33.56 8.14 15.32
N VAL B 4 32.92 7.64 14.28
CA VAL B 4 31.65 6.94 14.35
C VAL B 4 31.77 5.80 15.38
N SER B 5 30.76 5.69 16.25
CA SER B 5 30.71 4.68 17.30
C SER B 5 29.87 3.48 16.84
N LEU B 6 30.08 2.33 17.48
CA LEU B 6 29.19 1.17 17.25
C LEU B 6 27.73 1.54 17.49
N ALA B 7 27.48 2.37 18.52
CA ALA B 7 26.14 2.80 18.90
C ALA B 7 25.46 3.50 17.73
N GLN B 8 26.20 4.27 16.94
CA GLN B 8 25.62 5.00 15.80
C GLN B 8 25.27 4.07 14.64
N VAL B 9 26.11 3.08 14.36
CA VAL B 9 25.86 2.16 13.30
C VAL B 9 24.67 1.25 13.65
N ARG B 10 24.67 0.71 14.86
CA ARG B 10 23.53 -0.03 15.39
C ARG B 10 22.25 0.80 15.36
N GLY B 11 22.34 2.06 15.80
CA GLY B 11 21.21 2.93 15.86
C GLY B 11 20.61 3.18 14.49
N ALA B 12 21.49 3.39 13.48
CA ALA B 12 21.01 3.66 12.13
C ALA B 12 20.24 2.44 11.57
N LEU B 13 20.82 1.24 11.68
CA LEU B 13 20.22 0.05 11.11
C LEU B 13 18.93 -0.33 11.86
N CYS B 14 18.93 -0.21 13.19
CA CYS B 14 17.74 -0.54 14.00
C CYS B 14 16.64 0.51 13.80
N GLY B 15 17.04 1.77 13.64
CA GLY B 15 16.10 2.82 13.31
C GLY B 15 15.43 2.60 11.96
N ALA B 16 16.23 2.19 10.96
CA ALA B 16 15.71 1.83 9.65
C ALA B 16 14.74 0.64 9.78
N LEU B 17 15.11 -0.37 10.56
CA LEU B 17 14.25 -1.55 10.72
C LEU B 17 12.91 -1.15 11.40
N LEU B 18 12.99 -0.41 12.49
CA LEU B 18 11.81 0.07 13.21
C LEU B 18 10.90 0.87 12.27
N GLY B 19 11.48 1.81 11.51
CA GLY B 19 10.71 2.64 10.61
C GLY B 19 9.97 1.83 9.53
N ASP B 20 10.65 0.82 8.97
CA ASP B 20 10.04 -0.05 8.01
C ASP B 20 8.89 -0.84 8.65
N CYS B 21 9.20 -1.57 9.73
CA CYS B 21 8.25 -2.50 10.39
C CYS B 21 7.02 -1.73 10.90
N MET B 22 7.23 -0.58 11.51
CA MET B 22 6.14 0.21 12.12
C MET B 22 5.37 0.97 11.03
N GLY B 23 6.09 1.51 10.05
CA GLY B 23 5.46 2.18 8.93
C GLY B 23 4.56 1.26 8.10
N ALA B 24 4.92 -0.03 8.02
CA ALA B 24 4.28 -0.92 7.06
C ALA B 24 2.78 -1.04 7.34
N GLU B 25 2.40 -0.99 8.62
CA GLU B 25 1.02 -1.11 9.10
C GLU B 25 0.10 -0.04 8.49
N PHE B 26 0.68 1.08 8.00
CA PHE B 26 -0.06 2.24 7.56
C PHE B 26 0.17 2.57 6.08
N GLU B 27 0.89 1.70 5.31
CA GLU B 27 1.34 1.96 3.90
C GLU B 27 0.14 2.38 3.02
N GLY B 28 0.34 3.42 2.20
CA GLY B 28 -0.63 3.88 1.19
C GLY B 28 -1.88 4.55 1.74
N SER B 29 -1.98 4.72 3.08
CA SER B 29 -3.17 5.26 3.67
C SER B 29 -3.21 6.78 3.46
N ASP B 30 -4.33 7.21 2.87
CA ASP B 30 -4.59 8.62 2.56
C ASP B 30 -4.90 9.39 3.85
N ALA B 31 -5.58 8.76 4.81
CA ALA B 31 -5.86 9.36 6.11
C ALA B 31 -5.11 8.61 7.21
N VAL B 32 -3.92 9.10 7.59
CA VAL B 32 -3.27 8.66 8.82
C VAL B 32 -3.24 9.85 9.74
N GLU B 33 -3.73 9.65 10.96
CA GLU B 33 -3.80 10.67 11.96
C GLU B 33 -2.84 10.24 13.06
N LEU B 34 -2.13 11.20 13.64
CA LEU B 34 -1.25 10.97 14.76
C LEU B 34 -1.91 10.12 15.84
N PRO B 35 -3.19 10.35 16.23
CA PRO B 35 -3.82 9.49 17.22
C PRO B 35 -3.78 7.97 16.94
N ASP B 36 -3.95 7.58 15.67
CA ASP B 36 -3.87 6.15 15.27
C ASP B 36 -2.44 5.63 15.53
N VAL B 37 -1.45 6.47 15.27
CA VAL B 37 -0.05 6.07 15.41
C VAL B 37 0.27 5.88 16.89
N LEU B 38 -0.17 6.83 17.73
CA LEU B 38 0.07 6.72 19.18
C LEU B 38 -0.64 5.50 19.75
N GLU B 39 -1.87 5.21 19.29
CA GLU B 39 -2.61 4.02 19.71
C GLU B 39 -1.81 2.77 19.32
N PHE B 40 -1.33 2.74 18.08
CA PHE B 40 -0.53 1.61 17.56
C PHE B 40 0.69 1.35 18.46
N VAL B 41 1.43 2.41 18.80
CA VAL B 41 2.65 2.31 19.63
C VAL B 41 2.34 1.78 21.04
N ARG B 42 1.29 2.28 21.68
CA ARG B 42 0.93 1.81 23.04
C ARG B 42 0.63 0.31 23.00
N LEU B 43 -0.15 -0.13 22.01
CA LEU B 43 -0.48 -1.54 21.85
C LEU B 43 0.78 -2.35 21.64
N LEU B 44 1.67 -1.82 20.80
CA LEU B 44 2.91 -2.48 20.45
C LEU B 44 3.77 -2.75 21.69
N GLU B 45 3.88 -1.76 22.57
CA GLU B 45 4.70 -1.83 23.77
C GLU B 45 4.18 -2.92 24.73
N LYS B 46 2.89 -3.30 24.61
CA LYS B 46 2.27 -4.26 25.54
C LYS B 46 2.22 -5.68 24.95
N GLU B 47 2.70 -5.86 23.73
CA GLU B 47 2.65 -7.16 23.06
C GLU B 47 3.54 -8.14 23.85
N LYS B 48 3.01 -9.33 24.17
CA LYS B 48 3.75 -10.34 24.94
C LYS B 48 4.77 -11.06 24.03
N LYS B 49 4.38 -11.37 22.80
CA LYS B 49 5.28 -12.05 21.87
C LYS B 49 6.19 -11.01 21.19
N ALA B 50 7.45 -11.40 21.03
CA ALA B 50 8.41 -10.60 20.27
C ALA B 50 8.19 -10.87 18.78
N GLY B 51 8.61 -9.95 17.92
CA GLY B 51 8.62 -10.19 16.48
C GLY B 51 7.24 -10.14 15.85
N THR B 52 6.33 -9.31 16.32
CA THR B 52 4.99 -9.32 15.70
C THR B 52 4.94 -8.47 14.42
N LEU B 53 5.91 -7.59 14.19
CA LEU B 53 5.91 -6.79 12.95
C LEU B 53 6.92 -7.37 11.94
N PHE B 54 6.45 -7.60 10.73
CA PHE B 54 7.27 -8.14 9.64
C PHE B 54 7.84 -6.97 8.83
N TYR B 55 9.05 -7.17 8.30
CA TYR B 55 9.67 -6.12 7.52
C TYR B 55 9.21 -6.26 6.07
N THR B 56 9.52 -5.25 5.27
CA THR B 56 9.09 -5.21 3.91
C THR B 56 10.32 -5.19 3.00
N ASP B 57 10.10 -4.79 1.74
CA ASP B 57 11.12 -4.76 0.73
C ASP B 57 12.21 -3.76 1.13
N ASP B 58 11.85 -2.70 1.88
CA ASP B 58 12.80 -1.70 2.32
C ASP B 58 13.94 -2.39 3.09
N THR B 59 13.58 -3.27 4.03
CA THR B 59 14.54 -4.00 4.83
C THR B 59 15.17 -5.15 4.01
N ALA B 60 14.37 -5.86 3.21
CA ALA B 60 14.92 -7.01 2.41
C ALA B 60 16.10 -6.52 1.55
N MET B 61 15.95 -5.35 0.93
CA MET B 61 16.99 -4.78 0.06
C MET B 61 18.15 -4.23 0.90
N THR B 62 17.87 -3.63 2.06
CA THR B 62 18.87 -3.17 3.00
C THR B 62 19.78 -4.34 3.40
N ARG B 63 19.19 -5.49 3.71
CA ARG B 63 19.96 -6.64 4.15
C ARG B 63 20.86 -7.13 2.99
N ALA B 64 20.35 -7.04 1.75
CA ALA B 64 21.11 -7.43 0.57
C ALA B 64 22.30 -6.47 0.37
N VAL B 65 22.05 -5.15 0.51
CA VAL B 65 23.14 -4.15 0.44
C VAL B 65 24.25 -4.52 1.43
N ILE B 66 23.87 -4.78 2.70
CA ILE B 66 24.82 -5.05 3.75
C ILE B 66 25.62 -6.33 3.41
N GLN B 67 24.95 -7.38 2.96
CA GLN B 67 25.67 -8.64 2.71
C GLN B 67 26.66 -8.42 1.54
N SER B 68 26.30 -7.59 0.55
CA SER B 68 27.23 -7.27 -0.54
C SER B 68 28.46 -6.51 -0.04
N LEU B 69 28.25 -5.50 0.81
CA LEU B 69 29.35 -4.69 1.34
C LEU B 69 30.30 -5.54 2.17
N ILE B 70 29.76 -6.48 2.94
CA ILE B 70 30.56 -7.34 3.78
C ILE B 70 31.38 -8.29 2.89
N ALA B 71 30.76 -8.83 1.85
CA ALA B 71 31.43 -9.80 0.98
C ALA B 71 32.45 -9.12 0.06
N LYS B 72 32.13 -7.91 -0.38
CA LYS B 72 32.94 -7.14 -1.34
C LYS B 72 33.08 -5.71 -0.84
N PRO B 73 33.96 -5.48 0.16
CA PRO B 73 34.04 -4.18 0.81
C PRO B 73 34.49 -3.03 -0.10
N ASP B 74 35.09 -3.35 -1.27
CA ASP B 74 35.52 -2.33 -2.22
C ASP B 74 34.34 -1.82 -3.06
N PHE B 75 33.18 -2.46 -2.90
CA PHE B 75 31.93 -2.18 -3.58
C PHE B 75 31.91 -2.85 -4.94
N ASP B 76 31.04 -3.87 -5.08
CA ASP B 76 30.91 -4.67 -6.27
C ASP B 76 29.44 -4.68 -6.68
N GLU B 77 29.10 -3.86 -7.68
CA GLU B 77 27.76 -3.64 -8.13
C GLU B 77 27.17 -4.90 -8.77
N VAL B 78 28.02 -5.77 -9.33
CA VAL B 78 27.57 -7.03 -9.89
C VAL B 78 27.12 -7.98 -8.77
N ASP B 79 27.93 -8.08 -7.72
CA ASP B 79 27.61 -8.88 -6.55
C ASP B 79 26.31 -8.34 -5.95
N MET B 80 26.23 -7.02 -5.82
CA MET B 80 25.04 -6.41 -5.19
C MET B 80 23.78 -6.68 -6.02
N ALA B 81 23.87 -6.54 -7.35
CA ALA B 81 22.75 -6.79 -8.27
C ALA B 81 22.24 -8.22 -8.12
N LYS B 82 23.20 -9.15 -8.06
CA LYS B 82 22.89 -10.55 -7.88
C LYS B 82 22.13 -10.77 -6.57
N ARG B 83 22.60 -10.17 -5.48
CA ARG B 83 21.94 -10.32 -4.16
C ARG B 83 20.51 -9.77 -4.18
N PHE B 84 20.32 -8.60 -4.80
CA PHE B 84 18.99 -8.01 -5.00
C PHE B 84 18.07 -9.00 -5.71
N ALA B 85 18.53 -9.52 -6.86
CA ALA B 85 17.74 -10.43 -7.70
C ALA B 85 17.45 -11.74 -6.97
N GLU B 86 18.43 -12.30 -6.24
CA GLU B 86 18.21 -13.59 -5.55
C GLU B 86 17.28 -13.40 -4.33
N GLU B 87 17.37 -12.24 -3.67
CA GLU B 87 16.49 -11.94 -2.53
C GLU B 87 15.05 -11.82 -3.03
N TYR B 88 14.86 -11.06 -4.11
CA TYR B 88 13.57 -10.93 -4.72
C TYR B 88 12.99 -12.31 -5.02
N LYS B 89 13.77 -13.13 -5.73
CA LYS B 89 13.35 -14.45 -6.14
C LYS B 89 12.92 -15.29 -4.94
N LYS B 90 13.68 -15.21 -3.86
CA LYS B 90 13.45 -15.98 -2.66
C LYS B 90 12.16 -15.53 -1.95
N GLU B 91 11.95 -14.21 -1.86
CA GLU B 91 10.84 -13.65 -1.08
C GLU B 91 10.17 -12.54 -1.89
N PRO B 92 9.44 -12.89 -2.97
CA PRO B 92 8.86 -11.89 -3.87
C PRO B 92 7.62 -11.14 -3.32
N THR B 93 7.09 -11.54 -2.17
CA THR B 93 5.91 -10.90 -1.64
C THR B 93 6.21 -9.88 -0.54
N ARG B 94 7.44 -9.35 -0.46
CA ARG B 94 7.81 -8.47 0.65
C ARG B 94 7.24 -7.05 0.48
N GLY B 95 6.78 -6.69 -0.73
CA GLY B 95 6.12 -5.37 -0.97
C GLY B 95 6.79 -4.49 -2.01
N TYR B 96 7.48 -5.10 -2.97
CA TYR B 96 8.23 -4.39 -4.00
C TYR B 96 7.31 -3.55 -4.89
N GLY B 97 7.86 -2.45 -5.42
CA GLY B 97 7.20 -1.69 -6.46
C GLY B 97 6.95 -2.53 -7.72
N ALA B 98 5.90 -2.16 -8.46
CA ALA B 98 5.47 -2.90 -9.65
C ALA B 98 6.54 -2.83 -10.75
N GLY B 99 7.21 -1.69 -10.88
CA GLY B 99 8.23 -1.48 -11.90
C GLY B 99 9.49 -2.30 -11.64
N VAL B 100 9.99 -2.26 -10.39
CA VAL B 100 11.32 -2.79 -10.08
C VAL B 100 11.33 -4.33 -10.20
N VAL B 101 10.16 -4.96 -10.10
CA VAL B 101 10.02 -6.39 -10.32
C VAL B 101 10.60 -6.78 -11.70
N GLN B 102 10.37 -5.93 -12.70
CA GLN B 102 10.83 -6.18 -14.06
C GLN B 102 12.37 -6.18 -14.08
N VAL B 103 12.98 -5.29 -13.31
CA VAL B 103 14.44 -5.22 -13.24
C VAL B 103 14.98 -6.53 -12.68
N PHE B 104 14.35 -7.07 -11.63
CA PHE B 104 14.85 -8.29 -11.01
C PHE B 104 14.75 -9.47 -11.97
N LYS B 105 13.66 -9.55 -12.73
CA LYS B 105 13.45 -10.66 -13.65
C LYS B 105 14.51 -10.63 -14.76
N LYS B 106 14.84 -9.43 -15.26
CA LYS B 106 15.85 -9.25 -16.28
C LYS B 106 17.24 -9.60 -15.73
N LEU B 107 17.55 -9.20 -14.50
CA LEU B 107 18.83 -9.53 -13.87
C LEU B 107 18.95 -11.04 -13.64
N LEU B 108 17.82 -11.74 -13.43
CA LEU B 108 17.82 -13.21 -13.19
C LEU B 108 17.97 -13.99 -14.51
N SER B 109 17.66 -13.36 -15.65
CA SER B 109 17.79 -13.97 -16.96
C SER B 109 19.24 -13.92 -17.44
N PRO B 110 19.63 -14.73 -18.47
CA PRO B 110 20.97 -14.64 -19.05
C PRO B 110 21.16 -13.59 -20.16
N LYS B 111 20.15 -12.74 -20.41
CA LYS B 111 20.11 -11.83 -21.57
C LYS B 111 21.00 -10.59 -21.34
N TYR B 112 21.24 -10.23 -20.08
CA TYR B 112 21.94 -8.99 -19.73
C TYR B 112 23.31 -9.32 -19.15
N SER B 113 24.35 -8.72 -19.74
CA SER B 113 25.69 -8.73 -19.19
C SER B 113 25.98 -7.41 -18.46
N ASP B 114 25.21 -6.35 -18.76
CA ASP B 114 25.39 -5.05 -18.11
C ASP B 114 24.31 -4.93 -17.04
N VAL B 115 24.71 -5.01 -15.77
CA VAL B 115 23.74 -5.07 -14.64
C VAL B 115 22.99 -3.74 -14.48
N PHE B 116 23.42 -2.66 -15.15
CA PHE B 116 22.74 -1.35 -15.10
C PHE B 116 21.70 -1.19 -16.20
N GLN B 117 21.70 -2.11 -17.18
CA GLN B 117 20.94 -1.92 -18.39
C GLN B 117 19.44 -2.12 -18.10
N PRO B 118 19.02 -3.15 -17.33
CA PRO B 118 17.61 -3.31 -16.97
C PRO B 118 16.99 -2.03 -16.40
N ALA B 119 17.70 -1.36 -15.50
CA ALA B 119 17.24 -0.12 -14.90
C ALA B 119 17.12 0.99 -15.94
N ARG B 120 18.02 1.02 -16.92
CA ARG B 120 17.99 2.06 -17.96
C ARG B 120 16.71 1.93 -18.81
N GLU B 121 16.20 0.69 -18.94
CA GLU B 121 15.09 0.36 -19.85
C GLU B 121 13.73 0.69 -19.22
N GLN B 122 13.71 0.88 -17.89
CA GLN B 122 12.49 1.13 -17.12
C GLN B 122 11.77 2.38 -17.64
N PHE B 123 10.43 2.32 -17.66
CA PHE B 123 9.54 3.41 -18.06
C PHE B 123 10.04 4.06 -19.36
N ASP B 124 10.10 3.25 -20.43
CA ASP B 124 10.41 3.68 -21.79
C ASP B 124 11.78 4.38 -21.84
N GLY B 125 12.74 3.87 -21.06
CA GLY B 125 14.12 4.35 -21.08
C GLY B 125 14.35 5.58 -20.20
N LYS B 126 13.33 6.06 -19.50
CA LYS B 126 13.45 7.25 -18.64
C LYS B 126 13.97 6.86 -17.25
N GLY B 127 13.72 5.61 -16.83
CA GLY B 127 14.18 5.08 -15.56
C GLY B 127 13.22 5.43 -14.44
N SER B 128 13.26 4.66 -13.35
CA SER B 128 12.35 4.86 -12.22
C SER B 128 12.82 6.08 -11.42
N TYR B 129 11.83 6.90 -11.01
CA TYR B 129 12.07 8.03 -10.10
C TYR B 129 11.54 7.71 -8.69
N GLY B 130 11.30 6.42 -8.42
CA GLY B 130 10.84 5.92 -7.11
C GLY B 130 11.92 6.04 -6.03
N ASN B 131 11.53 5.79 -4.79
CA ASN B 131 12.39 6.03 -3.63
C ASN B 131 13.12 4.74 -3.24
N GLY B 132 13.00 3.69 -4.06
CA GLY B 132 13.59 2.38 -3.78
C GLY B 132 15.12 2.39 -3.73
N GLY B 133 15.76 3.30 -4.46
CA GLY B 133 17.19 3.44 -4.33
C GLY B 133 17.60 4.04 -3.00
N ALA B 134 16.78 4.99 -2.51
CA ALA B 134 17.05 5.71 -1.27
C ALA B 134 16.67 4.86 -0.03
N MET B 135 15.69 3.97 -0.17
CA MET B 135 15.14 3.27 0.99
C MET B 135 16.18 2.32 1.60
N ARG B 136 17.18 1.93 0.79
CA ARG B 136 18.15 0.87 1.13
C ARG B 136 19.58 1.41 1.23
N VAL B 137 19.76 2.72 1.03
CA VAL B 137 21.10 3.26 0.77
C VAL B 137 21.86 3.59 2.06
N ALA B 138 21.17 3.71 3.21
CA ALA B 138 21.81 4.21 4.45
C ALA B 138 23.16 3.50 4.70
N SER B 139 23.21 2.18 4.48
CA SER B 139 24.37 1.40 4.88
C SER B 139 25.64 1.87 4.13
N ILE B 140 25.48 2.49 2.97
CA ILE B 140 26.65 3.04 2.20
C ILE B 140 27.37 4.05 3.10
N ALA B 141 26.58 4.95 3.74
CA ALA B 141 27.09 5.99 4.63
C ALA B 141 27.68 5.40 5.92
N LEU B 142 27.21 4.22 6.32
CA LEU B 142 27.73 3.56 7.51
C LEU B 142 29.04 2.81 7.20
N ALA B 143 29.30 2.47 5.94
CA ALA B 143 30.45 1.61 5.62
C ALA B 143 31.65 2.44 5.10
N TYR B 144 31.40 3.61 4.54
CA TYR B 144 32.38 4.40 3.79
C TYR B 144 32.47 5.78 4.42
N PRO B 145 33.53 6.03 5.22
CA PRO B 145 33.72 7.32 5.89
C PRO B 145 33.86 8.52 4.93
N ASN B 146 34.50 8.28 3.77
CA ASN B 146 34.88 9.35 2.83
C ASN B 146 33.66 9.76 1.99
N ILE B 147 33.34 11.06 2.00
CA ILE B 147 32.13 11.54 1.38
C ILE B 147 32.12 11.27 -0.14
N GLN B 148 33.26 11.36 -0.83
CA GLN B 148 33.32 11.10 -2.29
CA GLN B 148 33.19 11.14 -2.29
C GLN B 148 32.86 9.66 -2.57
N ASP B 149 33.25 8.73 -1.69
CA ASP B 149 32.87 7.31 -1.79
C ASP B 149 31.36 7.16 -1.57
N VAL B 150 30.83 7.85 -0.57
CA VAL B 150 29.43 7.82 -0.23
C VAL B 150 28.61 8.25 -1.44
N ILE B 151 29.00 9.37 -2.05
CA ILE B 151 28.29 9.88 -3.20
C ILE B 151 28.36 8.88 -4.35
N LYS B 152 29.54 8.39 -4.73
CA LYS B 152 29.63 7.58 -5.97
C LYS B 152 28.98 6.22 -5.74
N PHE B 153 29.14 5.64 -4.55
CA PHE B 153 28.54 4.31 -4.27
C PHE B 153 27.05 4.40 -4.02
N ALA B 154 26.56 5.50 -3.43
CA ALA B 154 25.14 5.71 -3.31
C ALA B 154 24.52 5.73 -4.72
N ARG B 155 25.17 6.47 -5.62
CA ARG B 155 24.67 6.62 -6.97
C ARG B 155 24.61 5.25 -7.65
N ARG B 156 25.71 4.51 -7.61
CA ARG B 156 25.80 3.25 -8.36
C ARG B 156 24.85 2.21 -7.76
N SER B 157 24.77 2.12 -6.43
CA SER B 157 23.83 1.19 -5.80
C SER B 157 22.41 1.49 -6.28
N ALA B 158 22.06 2.78 -6.36
CA ALA B 158 20.71 3.19 -6.73
C ALA B 158 20.44 2.85 -8.19
N GLN B 159 21.44 3.09 -9.05
CA GLN B 159 21.31 2.94 -10.48
C GLN B 159 21.08 1.48 -10.86
N LEU B 160 21.32 0.52 -9.96
CA LEU B 160 20.99 -0.89 -10.26
C LEU B 160 19.46 -1.06 -10.50
N THR B 161 18.63 -0.16 -9.92
CA THR B 161 17.19 -0.23 -10.08
C THR B 161 16.58 1.11 -10.57
N HIS B 162 17.27 2.24 -10.32
CA HIS B 162 16.71 3.60 -10.51
C HIS B 162 17.66 4.45 -11.36
N ALA B 163 17.39 4.49 -12.68
CA ALA B 163 18.26 5.13 -13.66
C ALA B 163 17.88 6.59 -13.88
N SER B 164 16.72 7.03 -13.38
CA SER B 164 16.36 8.44 -13.49
C SER B 164 17.17 9.28 -12.52
N PRO B 165 17.69 10.46 -12.93
CA PRO B 165 18.35 11.37 -11.99
C PRO B 165 17.57 11.64 -10.69
N LEU B 166 16.24 11.73 -10.78
CA LEU B 166 15.43 11.93 -9.57
C LEU B 166 15.59 10.73 -8.64
N GLY B 167 15.59 9.52 -9.21
CA GLY B 167 15.79 8.30 -8.45
C GLY B 167 17.14 8.25 -7.76
N TYR B 168 18.23 8.43 -8.52
CA TYR B 168 19.54 8.14 -7.97
C TYR B 168 20.07 9.35 -7.17
N ASN B 169 19.67 10.57 -7.54
CA ASN B 169 20.05 11.75 -6.72
C ASN B 169 19.31 11.75 -5.38
N GLY B 170 18.08 11.20 -5.35
CA GLY B 170 17.35 11.01 -4.11
C GLY B 170 18.09 10.04 -3.19
N ALA B 171 18.68 9.01 -3.79
CA ALA B 171 19.48 8.07 -3.01
C ALA B 171 20.73 8.77 -2.45
N ILE B 172 21.38 9.59 -3.26
CA ILE B 172 22.58 10.27 -2.80
C ILE B 172 22.23 11.18 -1.60
N LEU B 173 21.11 11.89 -1.72
CA LEU B 173 20.66 12.81 -0.68
C LEU B 173 20.46 12.06 0.64
N GLN B 174 19.80 10.89 0.58
CA GLN B 174 19.52 10.09 1.74
C GLN B 174 20.85 9.58 2.31
N ALA B 175 21.79 9.15 1.45
CA ALA B 175 23.10 8.70 1.93
C ALA B 175 23.85 9.84 2.63
N LEU B 176 23.78 11.04 2.05
CA LEU B 176 24.46 12.22 2.62
C LEU B 176 23.85 12.60 3.99
N ALA B 177 22.52 12.46 4.11
CA ALA B 177 21.85 12.81 5.36
C ALA B 177 22.37 11.89 6.47
N VAL B 178 22.49 10.60 6.17
CA VAL B 178 23.01 9.67 7.13
C VAL B 178 24.47 10.00 7.46
N HIS B 179 25.26 10.26 6.42
CA HIS B 179 26.68 10.60 6.53
C HIS B 179 26.88 11.78 7.51
N PHE B 180 26.17 12.87 7.28
CA PHE B 180 26.30 14.06 8.14
C PHE B 180 25.73 13.84 9.55
N ALA B 181 24.69 13.00 9.69
CA ALA B 181 24.12 12.70 11.00
C ALA B 181 25.14 11.93 11.84
N LEU B 182 26.03 11.20 11.16
CA LEU B 182 27.02 10.44 11.85
C LEU B 182 28.11 11.33 12.44
N GLN B 183 28.36 12.49 11.84
CA GLN B 183 29.59 13.26 12.10
C GLN B 183 29.35 14.23 13.27
N GLY B 184 29.78 13.78 14.46
CA GLY B 184 29.51 14.45 15.72
C GLY B 184 28.04 14.34 16.05
N GLU B 185 27.55 15.29 16.87
CA GLU B 185 26.15 15.65 16.89
C GLU B 185 26.08 17.12 16.43
N LEU B 186 26.12 17.29 15.09
CA LEU B 186 25.97 18.60 14.45
C LEU B 186 24.69 19.30 14.91
N LYS B 187 24.74 20.63 14.96
CA LYS B 187 23.56 21.48 15.16
C LYS B 187 22.70 21.44 13.88
N ARG B 188 21.39 21.66 14.04
CA ARG B 188 20.43 21.74 12.91
C ARG B 188 21.01 22.57 11.74
N ASP B 189 21.47 23.78 12.02
CA ASP B 189 21.82 24.70 10.93
C ASP B 189 23.04 24.18 10.14
N THR B 190 24.01 23.57 10.83
CA THR B 190 25.24 23.05 10.19
C THR B 190 24.86 21.85 9.30
N PHE B 191 24.04 20.97 9.85
CA PHE B 191 23.55 19.78 9.13
C PHE B 191 22.95 20.17 7.76
N LEU B 192 22.03 21.14 7.75
CA LEU B 192 21.35 21.55 6.52
C LEU B 192 22.36 22.19 5.58
N GLU B 193 23.25 23.03 6.12
CA GLU B 193 24.29 23.69 5.32
C GLU B 193 25.11 22.64 4.57
N GLN B 194 25.53 21.59 5.30
CA GLN B 194 26.31 20.51 4.71
C GLN B 194 25.53 19.92 3.50
N LEU B 195 24.24 19.57 3.70
CA LEU B 195 23.40 18.93 2.65
C LEU B 195 23.18 19.85 1.45
N ILE B 196 22.86 21.11 1.72
CA ILE B 196 22.51 22.03 0.64
C ILE B 196 23.75 22.26 -0.23
N GLY B 197 24.90 22.47 0.43
CA GLY B 197 26.21 22.62 -0.24
C GLY B 197 26.50 21.45 -1.19
N GLU B 198 26.34 20.22 -0.71
CA GLU B 198 26.64 19.04 -1.52
C GLU B 198 25.63 18.90 -2.65
N MET B 199 24.33 19.08 -2.39
CA MET B 199 23.33 18.84 -3.44
C MET B 199 23.39 19.92 -4.52
N GLU B 200 23.73 21.14 -4.14
CA GLU B 200 23.94 22.22 -5.15
C GLU B 200 25.03 21.79 -6.15
N ARG B 201 26.17 21.30 -5.64
CA ARG B 201 27.28 20.82 -6.49
C ARG B 201 26.79 19.68 -7.38
N ILE B 202 26.08 18.70 -6.79
CA ILE B 202 25.71 17.44 -7.47
C ILE B 202 24.62 17.69 -8.51
N GLU B 203 23.60 18.48 -8.15
CA GLU B 203 22.50 18.78 -9.06
C GLU B 203 22.93 19.83 -10.10
N GLY B 204 23.80 20.77 -9.67
CA GLY B 204 24.47 21.73 -10.56
C GLY B 204 25.77 21.17 -11.10
N LEU B 223 16.66 22.91 -9.89
CA LEU B 223 17.38 22.02 -8.96
C LEU B 223 16.41 21.44 -7.94
N PRO B 224 15.73 20.31 -8.28
CA PRO B 224 14.57 19.84 -7.52
C PRO B 224 14.82 19.59 -6.02
N PHE B 225 15.89 18.86 -5.71
CA PHE B 225 16.15 18.49 -4.32
C PHE B 225 16.62 19.71 -3.51
N CYS B 226 17.41 20.59 -4.12
CA CYS B 226 17.87 21.80 -3.44
C CYS B 226 16.68 22.67 -3.05
N SER B 227 15.69 22.76 -3.95
CA SER B 227 14.51 23.57 -3.72
CA SER B 227 14.51 23.57 -3.73
C SER B 227 13.72 23.03 -2.53
N ARG B 228 13.67 21.70 -2.40
CA ARG B 228 12.95 21.08 -1.29
C ARG B 228 13.73 21.35 0.00
N LEU B 229 15.06 21.20 -0.05
CA LEU B 229 15.90 21.46 1.13
C LEU B 229 15.73 22.91 1.60
N LYS B 230 15.58 23.85 0.64
CA LYS B 230 15.36 25.28 0.96
C LYS B 230 14.02 25.44 1.70
N LYS B 231 12.97 24.79 1.21
CA LYS B 231 11.65 24.82 1.84
C LYS B 231 11.75 24.29 3.27
N ILE B 232 12.60 23.28 3.48
CA ILE B 232 12.76 22.68 4.79
C ILE B 232 13.33 23.72 5.76
N LYS B 233 14.37 24.44 5.31
CA LYS B 233 14.97 25.52 6.10
C LYS B 233 13.88 26.51 6.54
N GLU B 234 12.98 26.86 5.62
CA GLU B 234 11.87 27.79 5.89
C GLU B 234 10.93 27.19 6.95
N PHE B 235 10.55 25.93 6.78
CA PHE B 235 9.59 25.30 7.67
C PHE B 235 10.15 25.25 9.09
N LEU B 236 11.44 24.96 9.24
CA LEU B 236 12.06 24.84 10.56
C LEU B 236 12.15 26.21 11.24
N ALA B 237 12.16 27.30 10.46
CA ALA B 237 12.15 28.68 11.02
C ALA B 237 10.74 29.11 11.47
N SER B 238 9.69 28.31 11.18
CA SER B 238 8.33 28.55 11.66
C SER B 238 8.04 27.63 12.84
N SER B 239 6.89 27.86 13.50
CA SER B 239 6.37 26.92 14.48
C SER B 239 4.94 26.54 14.10
N ASN B 240 4.51 25.35 14.56
CA ASN B 240 3.13 24.87 14.41
C ASN B 240 2.78 24.79 12.92
N VAL B 241 3.72 24.29 12.10
CA VAL B 241 3.45 24.07 10.69
C VAL B 241 2.49 22.90 10.57
N PRO B 242 1.29 23.08 9.98
CA PRO B 242 0.35 21.97 9.82
C PRO B 242 0.91 20.88 8.89
N LYS B 243 0.51 19.63 9.19
CA LYS B 243 0.79 18.46 8.38
C LYS B 243 0.48 18.79 6.92
N ALA B 244 -0.68 19.41 6.67
CA ALA B 244 -1.14 19.69 5.31
C ALA B 244 -0.07 20.44 4.52
N ASP B 245 0.61 21.41 5.15
CA ASP B 245 1.62 22.22 4.47
C ASP B 245 2.86 21.37 4.16
N ILE B 246 3.22 20.48 5.10
CA ILE B 246 4.39 19.61 4.89
C ILE B 246 4.08 18.67 3.72
N VAL B 247 2.89 18.06 3.73
CA VAL B 247 2.52 17.12 2.67
C VAL B 247 2.48 17.85 1.32
N ASP B 248 1.85 19.02 1.30
CA ASP B 248 1.63 19.76 0.05
C ASP B 248 2.97 20.15 -0.59
N GLU B 249 3.91 20.62 0.24
CA GLU B 249 5.14 21.26 -0.27
C GLU B 249 6.28 20.25 -0.39
N LEU B 250 6.36 19.26 0.53
CA LEU B 250 7.46 18.29 0.48
C LEU B 250 6.98 16.96 -0.11
N GLY B 251 5.75 16.53 0.22
CA GLY B 251 5.17 15.29 -0.31
C GLY B 251 5.17 14.15 0.71
N HIS B 252 4.47 13.08 0.37
CA HIS B 252 4.53 11.84 1.10
C HIS B 252 4.41 10.68 0.11
N GLY B 253 5.02 10.85 -1.06
CA GLY B 253 4.78 9.98 -2.22
C GLY B 253 5.86 8.91 -2.38
N ILE B 254 5.62 8.04 -3.35
CA ILE B 254 6.52 6.93 -3.70
CA ILE B 254 6.53 6.94 -3.68
C ILE B 254 7.72 7.49 -4.49
N ALA B 255 7.55 8.67 -5.08
CA ALA B 255 8.63 9.33 -5.79
C ALA B 255 9.71 9.76 -4.79
N ALA B 256 10.99 9.60 -5.18
CA ALA B 256 12.09 9.99 -4.31
C ALA B 256 11.99 11.49 -3.95
N LEU B 257 11.61 12.32 -4.91
CA LEU B 257 11.52 13.77 -4.69
C LEU B 257 10.48 14.10 -3.60
N GLU B 258 9.44 13.26 -3.49
CA GLU B 258 8.30 13.52 -2.60
C GLU B 258 8.40 12.70 -1.32
N SER B 259 9.57 12.11 -1.04
CA SER B 259 9.76 11.30 0.16
C SER B 259 11.08 11.56 0.86
N VAL B 260 12.19 11.72 0.12
CA VAL B 260 13.49 11.81 0.79
C VAL B 260 13.58 13.12 1.57
N PRO B 261 13.25 14.28 0.99
CA PRO B 261 13.26 15.52 1.76
C PRO B 261 12.31 15.45 2.96
N THR B 262 11.17 14.76 2.81
CA THR B 262 10.18 14.64 3.86
C THR B 262 10.78 13.87 5.03
N ALA B 263 11.54 12.80 4.74
CA ALA B 263 12.23 12.03 5.78
C ALA B 263 13.21 12.95 6.53
N ILE B 264 13.96 13.77 5.79
CA ILE B 264 14.96 14.67 6.36
C ILE B 264 14.27 15.70 7.24
N TYR B 265 13.16 16.25 6.77
CA TYR B 265 12.38 17.19 7.57
C TYR B 265 11.91 16.54 8.88
N SER B 266 11.39 15.30 8.81
CA SER B 266 10.89 14.60 10.00
C SER B 266 12.00 14.50 11.06
N PHE B 267 13.20 14.11 10.60
CA PHE B 267 14.34 14.01 11.46
C PHE B 267 14.63 15.37 12.11
N LEU B 268 14.75 16.43 11.29
CA LEU B 268 15.17 17.74 11.78
C LEU B 268 14.11 18.31 12.74
N HIS B 269 12.83 18.17 12.37
CA HIS B 269 11.69 18.65 13.16
C HIS B 269 11.72 18.02 14.56
N CYS B 270 11.97 16.71 14.61
CA CYS B 270 11.86 15.94 15.86
C CYS B 270 13.13 16.00 16.72
N MET B 271 14.12 16.78 16.29
CA MET B 271 15.20 17.22 17.20
C MET B 271 14.65 18.06 18.36
N GLU B 272 13.48 18.69 18.18
CA GLU B 272 12.82 19.43 19.24
C GLU B 272 11.50 18.76 19.61
N SER B 273 10.98 19.16 20.78
CA SER B 273 9.68 18.72 21.22
CA SER B 273 9.67 18.73 21.23
C SER B 273 8.63 19.06 20.15
N ASP B 274 7.72 18.11 19.90
CA ASP B 274 6.52 18.35 19.11
C ASP B 274 5.35 18.35 20.08
N PRO B 275 4.51 19.41 20.12
CA PRO B 275 3.45 19.50 21.13
C PRO B 275 2.44 18.34 21.11
N ASP B 276 2.27 17.66 19.98
CA ASP B 276 1.32 16.56 19.82
C ASP B 276 1.90 15.21 20.27
N ILE B 277 3.22 15.11 20.43
CA ILE B 277 3.81 13.83 20.77
C ILE B 277 4.34 13.87 22.21
N PRO B 278 3.83 13.01 23.11
CA PRO B 278 4.30 13.00 24.49
C PRO B 278 5.83 12.93 24.56
N ASP B 279 6.38 13.70 25.50
CA ASP B 279 7.79 13.87 25.68
C ASP B 279 8.36 12.64 26.41
N LEU B 280 7.52 11.67 26.79
CA LEU B 280 8.12 10.43 27.27
C LEU B 280 8.68 9.61 26.10
N TYR B 281 8.34 9.91 24.84
CA TYR B 281 9.01 9.32 23.67
C TYR B 281 10.33 10.08 23.42
N ASN B 282 11.42 9.35 23.21
CA ASN B 282 12.73 9.99 22.93
C ASN B 282 12.71 10.52 21.49
N ASN B 283 13.80 11.19 21.05
CA ASN B 283 13.87 11.84 19.73
C ASN B 283 13.68 10.86 18.57
N LEU B 284 14.30 9.67 18.64
CA LEU B 284 14.19 8.69 17.57
CA LEU B 284 14.18 8.70 17.56
C LEU B 284 12.74 8.19 17.47
N GLN B 285 12.13 7.88 18.63
CA GLN B 285 10.72 7.40 18.69
C GLN B 285 9.80 8.47 18.07
N ARG B 286 9.98 9.71 18.50
CA ARG B 286 9.23 10.86 18.04
C ARG B 286 9.35 10.95 16.51
N THR B 287 10.57 10.77 15.99
CA THR B 287 10.84 10.86 14.57
C THR B 287 10.02 9.83 13.79
N ILE B 288 10.01 8.59 14.27
CA ILE B 288 9.27 7.53 13.62
C ILE B 288 7.75 7.79 13.70
N ILE B 289 7.27 8.17 14.89
CA ILE B 289 5.84 8.47 15.11
C ILE B 289 5.42 9.58 14.14
N TYR B 290 6.17 10.68 14.15
CA TYR B 290 5.89 11.84 13.31
C TYR B 290 5.88 11.45 11.82
N SER B 291 6.95 10.77 11.33
CA SER B 291 7.04 10.32 9.94
C SER B 291 5.77 9.57 9.52
N ILE B 292 5.40 8.57 10.33
CA ILE B 292 4.28 7.72 9.99
C ILE B 292 2.99 8.57 9.95
N SER B 293 2.88 9.50 10.89
CA SER B 293 1.70 10.40 10.98
C SER B 293 1.52 11.21 9.69
N LEU B 294 2.57 11.36 8.87
CA LEU B 294 2.47 12.13 7.62
C LEU B 294 1.72 11.34 6.54
N GLY B 295 1.55 10.02 6.72
CA GLY B 295 0.82 9.21 5.76
C GLY B 295 1.61 8.97 4.47
N GLY B 296 0.90 8.41 3.48
CA GLY B 296 1.46 8.10 2.16
C GLY B 296 2.36 6.88 2.23
N ASP B 297 3.59 7.03 1.74
CA ASP B 297 4.55 5.96 1.70
C ASP B 297 5.24 5.88 3.08
N THR B 298 4.50 5.41 4.07
CA THR B 298 4.87 5.51 5.44
C THR B 298 6.06 4.60 5.77
N ASP B 299 6.11 3.38 5.21
CA ASP B 299 7.21 2.48 5.61
C ASP B 299 8.55 3.04 5.09
N THR B 300 8.53 3.72 3.93
CA THR B 300 9.77 4.19 3.30
C THR B 300 10.20 5.52 3.93
N ILE B 301 9.24 6.43 4.14
CA ILE B 301 9.60 7.68 4.77
C ILE B 301 10.10 7.41 6.19
N ALA B 302 9.44 6.51 6.94
CA ALA B 302 9.86 6.24 8.29
C ALA B 302 11.19 5.46 8.31
N THR B 303 11.42 4.53 7.38
CA THR B 303 12.70 3.79 7.36
C THR B 303 13.86 4.78 7.09
N MET B 304 13.63 5.77 6.22
CA MET B 304 14.66 6.75 5.90
C MET B 304 14.88 7.73 7.08
N ALA B 305 13.79 8.29 7.65
CA ALA B 305 13.94 9.17 8.78
C ALA B 305 14.54 8.41 9.97
N GLY B 306 14.14 7.15 10.16
CA GLY B 306 14.65 6.34 11.27
C GLY B 306 16.14 6.05 11.15
N ALA B 307 16.63 5.83 9.93
CA ALA B 307 18.05 5.63 9.68
C ALA B 307 18.84 6.89 10.04
N ILE B 308 18.34 8.06 9.62
CA ILE B 308 19.04 9.28 9.90
C ILE B 308 19.06 9.52 11.42
N ALA B 309 17.88 9.41 12.05
CA ALA B 309 17.78 9.63 13.50
C ALA B 309 18.65 8.63 14.25
N GLY B 310 18.65 7.39 13.82
CA GLY B 310 19.44 6.37 14.46
C GLY B 310 20.92 6.65 14.42
N ALA B 311 21.39 7.13 13.27
CA ALA B 311 22.78 7.47 13.08
C ALA B 311 23.14 8.65 14.00
N TYR B 312 22.19 9.57 14.18
CA TYR B 312 22.44 10.79 14.98
C TYR B 312 22.45 10.49 16.49
N TYR B 313 21.40 9.82 16.99
CA TYR B 313 21.17 9.66 18.44
C TYR B 313 21.76 8.36 18.96
N GLY B 314 21.86 7.38 18.07
CA GLY B 314 22.44 6.12 18.38
C GLY B 314 21.49 5.16 19.08
N MET B 315 22.04 3.97 19.35
CA MET B 315 21.32 2.83 19.86
C MET B 315 20.73 3.08 21.25
N ASP B 316 21.26 4.03 22.02
CA ASP B 316 20.67 4.38 23.32
C ASP B 316 19.19 4.77 23.18
N GLN B 317 18.75 5.26 22.02
CA GLN B 317 17.34 5.64 21.83
C GLN B 317 16.51 4.54 21.15
N VAL B 318 17.14 3.40 20.82
CA VAL B 318 16.43 2.25 20.34
C VAL B 318 16.10 1.39 21.57
N THR B 319 14.84 1.45 22.04
CA THR B 319 14.50 0.87 23.35
C THR B 319 14.20 -0.62 23.20
N PRO B 320 14.44 -1.44 24.24
CA PRO B 320 14.15 -2.87 24.20
C PRO B 320 12.70 -3.18 23.77
N SER B 321 11.71 -2.43 24.28
CA SER B 321 10.32 -2.70 23.98
C SER B 321 10.00 -2.44 22.51
N TRP B 322 10.64 -1.44 21.91
CA TRP B 322 10.40 -1.20 20.49
C TRP B 322 11.11 -2.24 19.63
N LYS B 323 12.41 -2.46 19.86
CA LYS B 323 13.17 -3.26 18.88
C LYS B 323 12.71 -4.73 18.89
N ARG B 324 12.25 -5.25 20.04
CA ARG B 324 11.85 -6.64 20.14
C ARG B 324 10.62 -6.91 19.25
N SER B 325 9.91 -5.87 18.82
CA SER B 325 8.72 -6.05 17.99
CA SER B 325 8.72 -5.94 17.95
C SER B 325 9.07 -6.41 16.53
N CYS B 326 10.33 -6.20 16.12
CA CYS B 326 10.69 -6.32 14.72
C CYS B 326 11.26 -7.68 14.35
N GLU B 327 10.74 -8.24 13.26
CA GLU B 327 11.33 -9.37 12.58
C GLU B 327 12.81 -9.06 12.30
N ALA B 328 13.67 -10.03 12.59
CA ALA B 328 15.10 -10.02 12.22
C ALA B 328 15.92 -8.97 12.98
N ILE B 329 15.46 -8.56 14.20
CA ILE B 329 16.19 -7.58 14.99
C ILE B 329 17.58 -8.15 15.38
N VAL B 330 17.64 -9.42 15.76
CA VAL B 330 18.93 -10.00 16.18
C VAL B 330 19.92 -9.99 14.98
N GLU B 331 19.46 -10.41 13.81
CA GLU B 331 20.26 -10.44 12.57
C GLU B 331 20.70 -9.02 12.20
N THR B 332 19.83 -8.04 12.45
CA THR B 332 20.11 -6.65 12.17
C THR B 332 21.24 -6.14 13.08
N GLU B 333 21.15 -6.39 14.38
CA GLU B 333 22.17 -6.00 15.35
C GLU B 333 23.51 -6.65 14.96
N GLU B 334 23.47 -7.91 14.57
CA GLU B 334 24.67 -8.64 14.19
C GLU B 334 25.32 -7.99 12.96
N SER B 335 24.48 -7.69 11.97
CA SER B 335 24.95 -7.04 10.75
C SER B 335 25.54 -5.66 11.04
N ALA B 336 24.99 -4.94 12.03
CA ALA B 336 25.52 -3.62 12.42
C ALA B 336 26.97 -3.76 12.93
N VAL B 337 27.23 -4.79 13.72
CA VAL B 337 28.56 -5.00 14.24
C VAL B 337 29.52 -5.24 13.05
N LYS B 338 29.08 -6.04 12.07
CA LYS B 338 29.92 -6.38 10.92
C LYS B 338 30.15 -5.13 10.06
N LEU B 339 29.12 -4.28 9.90
CA LEU B 339 29.26 -3.03 9.16
C LEU B 339 30.22 -2.08 9.86
N TYR B 340 30.14 -2.01 11.19
CA TYR B 340 30.99 -1.16 11.96
C TYR B 340 32.45 -1.60 11.76
N GLU B 341 32.69 -2.91 11.73
CA GLU B 341 34.05 -3.40 11.55
C GLU B 341 34.57 -3.00 10.15
N LEU B 342 33.71 -3.03 9.13
CA LEU B 342 34.04 -2.60 7.78
C LEU B 342 34.45 -1.12 7.79
N TYR B 343 33.65 -0.31 8.47
CA TYR B 343 33.88 1.11 8.60
C TYR B 343 35.24 1.36 9.25
N CYS B 344 35.53 0.67 10.36
CA CYS B 344 36.80 0.84 11.07
C CYS B 344 38.00 0.45 10.19
N LYS B 345 37.86 -0.62 9.40
CA LYS B 345 38.95 -1.07 8.53
CA LYS B 345 38.94 -1.08 8.51
C LYS B 345 39.20 -0.01 7.44
N GLN B 346 38.14 0.62 6.92
CA GLN B 346 38.24 1.72 5.91
C GLN B 346 39.04 2.91 6.47
N LEU B 347 38.95 3.18 7.78
CA LEU B 347 39.87 4.14 8.39
C LEU B 347 41.28 3.51 8.36
MG MG C . -5.92 -4.78 -0.42
MG MG D . -7.28 -1.34 -0.90
N1 A1R E . -12.07 7.21 12.31
C2 A1R E . -10.86 7.48 11.79
N3 A1R E . -10.31 6.71 10.85
C4 A1R E . -10.92 5.61 10.37
C5 A1R E . -12.23 5.27 10.88
C6 A1R E . -12.79 6.14 11.92
N6 A1R E . -14.00 5.88 12.46
N7 A1R E . -12.61 4.16 10.23
C8 A1R E . -11.60 3.83 9.39
N9 A1R E . -10.60 4.69 9.48
C1' A1R E . -9.35 4.74 8.70
C2' A1R E . -8.15 4.32 9.53
O2' A1R E . -7.05 5.09 9.04
C3' A1R E . -8.03 2.84 9.23
O3' A1R E . -6.73 2.29 9.48
O4' A1R E . -9.43 3.81 7.64
C4' A1R E . -8.41 2.84 7.77
C5' A1R E . -8.86 1.47 7.29
O5' A1R E . -9.93 1.00 8.06
PA A1R E . -9.93 -0.46 8.69
O1A A1R E . -11.27 -0.75 9.28
O2A A1R E . -8.62 -0.69 9.40
O3A A1R E . -9.58 -1.33 7.37
PB A1R E . -10.46 -1.81 6.15
O1B A1R E . -11.62 -0.88 5.86
O2B A1R E . -10.66 -3.32 6.11
O5N A1R E . -9.48 -1.41 5.01
C5N A1R E . -9.70 -1.97 3.76
N4N A1R E . -7.32 -1.71 3.41
C1N A1R E . -6.65 -2.57 2.45
O2N A1R E . -7.40 -3.22 0.26
C2N A1R E . -7.82 -2.88 1.56
O3N A1R E . -8.22 -0.46 0.88
C3N A1R E . -8.71 -1.63 1.58
C4N A1R E . -8.63 -1.24 3.00
C1 GOL F . -27.07 -5.77 16.08
O1 GOL F . -28.40 -6.27 16.14
C2 GOL F . -26.09 -6.88 15.70
O2 GOL F . -26.49 -7.60 14.52
C3 GOL F . -24.72 -6.28 15.43
O3 GOL F . -24.71 -4.88 15.71
MG MG G . 8.03 -1.51 1.85
MG MG H . 7.16 1.95 0.90
N1 A1R I . 7.03 6.97 -14.79
C2 A1R I . 5.83 6.56 -14.29
N3 A1R I . 5.69 5.99 -13.09
C4 A1R I . 6.79 5.82 -12.30
C5 A1R I . 8.12 6.23 -12.78
C6 A1R I . 8.19 6.85 -14.10
N6 A1R I . 9.39 7.24 -14.57
N7 A1R I . 9.03 5.96 -11.82
C8 A1R I . 8.35 5.38 -10.81
N9 A1R I . 7.02 5.30 -11.11
C1' A1R I . 6.00 4.73 -10.23
C2' A1R I . 5.53 3.39 -10.80
O2' A1R I . 4.16 3.20 -10.52
C3' A1R I . 6.35 2.37 -10.04
O3' A1R I . 5.71 1.06 -9.99
O4' A1R I . 6.61 4.46 -8.99
C4' A1R I . 6.48 3.07 -8.70
C5' A1R I . 7.65 2.60 -7.84
O5' A1R I . 8.85 2.52 -8.60
PA A1R I . 9.67 1.16 -8.62
O1A A1R I . 11.01 1.45 -9.21
O2A A1R I . 8.79 0.07 -9.18
O3A A1R I . 9.78 0.69 -7.09
PB A1R I . 10.67 1.37 -5.92
O1B A1R I . 10.99 2.83 -6.21
O2B A1R I . 11.65 0.28 -5.55
O5N A1R I . 9.59 1.32 -4.79
C5N A1R I . 9.90 1.64 -3.47
N4N A1R I . 7.68 0.67 -3.16
C1N A1R I . 7.60 -0.26 -2.05
O2N A1R I . 8.19 0.07 0.30
C2N A1R I . 8.53 0.41 -1.07
O3N A1R I . 7.16 2.47 -1.22
C3N A1R I . 8.45 1.90 -1.47
C4N A1R I . 8.49 1.84 -2.95
C1 GOL J . 38.08 3.21 -1.59
O1 GOL J . 37.12 4.05 -2.22
C2 GOL J . 37.28 2.05 -1.02
O2 GOL J . 36.55 1.39 -2.06
C3 GOL J . 38.26 1.07 -0.40
O3 GOL J . 37.59 -0.20 -0.35
#